data_6THB
#
_entry.id   6THB
#
_cell.length_a   201.460
_cell.length_b   201.460
_cell.length_c   112.890
_cell.angle_alpha   90.000
_cell.angle_beta   90.000
_cell.angle_gamma   120.000
#
_symmetry.space_group_name_H-M   'P 65'
#
loop_
_entity.id
_entity.type
_entity.pdbx_description
1 polymer 'Attachment glycoprotein'
2 non-polymer 2-acetamido-2-deoxy-beta-D-glucopyranose
3 water water
#
_entity_poly.entity_id   1
_entity_poly.type   'polypeptide(L)'
_entity_poly.pdbx_seq_one_letter_code
;ETGKIFCKSVSKDPDFRLKQIDYVIPVQQDRSICMNNPLLDISDGFFTYIHYEGINSCKKSDSFKVLLSHGEIVDRGDYR
PSLYLLSSHYHPYSMQVINCVPVTCNQSSFVFCHISNNTKTLDNSDYSSDEYYITYFNGIDRPKTKKIPINNMTADNRYI
HFTFSGGGGVCLGEEFIIPVTTVINTDVFTHDYCESFNCSVQTGKSLKEICSESLRSPTNSSRYNLNGIMIISQNNMTDF
KIQLNGITYNKLSFGSPGRLSKTLGQVLYYQSSMSWDTYLKAGFVEKWKPFTPNWMNNTVISRPNQGNCPRYHKCPEICY
GGTYNDIAPLDLGKDMYVSVILDSDQLAENPEITVFNSTTILYKERVSKDELNTRSTTTSCFLFLDEPWCISVLETNRFN
GKSIRPEIYSYKIPKYCGTKHHHHHH
;
_entity_poly.pdbx_strand_id   A,B
#
loop_
_chem_comp.id
_chem_comp.type
_chem_comp.name
_chem_comp.formula
NAG D-saccharide, beta linking 2-acetamido-2-deoxy-beta-D-glucopyranose 'C8 H15 N O6'
#
# COMPACT_ATOMS: atom_id res chain seq x y z
N LYS A 4 3.59 -5.64 -22.93
CA LYS A 4 4.64 -6.14 -23.82
C LYS A 4 5.37 -5.00 -24.52
N ILE A 5 5.05 -3.76 -24.15
CA ILE A 5 5.65 -2.58 -24.76
C ILE A 5 6.47 -1.87 -23.69
N PHE A 6 7.79 -1.95 -23.80
CA PHE A 6 8.70 -1.24 -22.92
C PHE A 6 10.05 -1.14 -23.62
N CYS A 7 10.98 -0.41 -22.99
CA CYS A 7 12.27 -0.17 -23.61
C CYS A 7 13.06 -1.46 -23.75
N LYS A 8 13.49 -1.78 -24.97
CA LYS A 8 14.20 -3.00 -25.27
C LYS A 8 15.46 -2.73 -26.10
N SER A 9 16.05 -1.55 -25.94
CA SER A 9 17.18 -1.14 -26.75
C SER A 9 18.25 -0.49 -25.88
N VAL A 10 19.45 -0.36 -26.45
CA VAL A 10 20.54 0.31 -25.76
C VAL A 10 20.22 1.79 -25.66
N SER A 11 20.20 2.32 -24.44
CA SER A 11 19.84 3.70 -24.21
C SER A 11 20.46 4.17 -22.90
N LYS A 12 20.44 5.48 -22.71
CA LYS A 12 20.91 6.13 -21.49
C LYS A 12 19.74 6.73 -20.73
N ASP A 13 20.02 7.13 -19.49
CA ASP A 13 19.07 7.80 -18.60
C ASP A 13 17.73 7.09 -18.53
N PRO A 14 17.66 5.89 -17.98
CA PRO A 14 16.37 5.22 -17.83
C PRO A 14 15.64 5.70 -16.59
N ASP A 15 14.31 5.74 -16.69
CA ASP A 15 13.43 6.14 -15.59
C ASP A 15 12.76 4.87 -15.06
N PHE A 16 13.37 4.28 -14.02
CA PHE A 16 12.78 3.11 -13.39
C PHE A 16 11.69 3.46 -12.39
N ARG A 17 11.49 4.74 -12.09
CA ARG A 17 10.55 5.19 -11.06
C ARG A 17 10.83 4.47 -9.74
N LEU A 18 12.10 4.51 -9.34
CA LEU A 18 12.56 3.73 -8.19
C LEU A 18 12.01 4.28 -6.88
N LYS A 19 11.54 3.37 -6.04
CA LYS A 19 11.00 3.72 -4.72
C LYS A 19 11.47 2.69 -3.70
N GLN A 20 11.88 3.17 -2.53
CA GLN A 20 12.30 2.30 -1.44
C GLN A 20 11.10 1.98 -0.55
N ILE A 21 11.05 0.74 -0.07
CA ILE A 21 9.98 0.28 0.82
C ILE A 21 10.58 0.08 2.20
N ASP A 22 9.98 0.74 3.20
CA ASP A 22 10.52 0.78 4.54
C ASP A 22 9.64 0.13 5.60
N TYR A 23 8.33 -0.03 5.34
CA TYR A 23 7.43 -0.54 6.36
C TYR A 23 7.40 -2.06 6.44
N VAL A 24 8.11 -2.76 5.56
CA VAL A 24 8.09 -4.23 5.56
C VAL A 24 9.12 -4.79 6.52
N ILE A 25 10.38 -4.43 6.32
CA ILE A 25 11.46 -4.98 7.15
C ILE A 25 11.46 -4.29 8.50
N PRO A 26 11.46 -5.04 9.61
CA PRO A 26 11.44 -4.41 10.94
C PRO A 26 12.71 -3.61 11.20
N VAL A 27 12.60 -2.69 12.15
CA VAL A 27 13.73 -1.86 12.59
C VAL A 27 14.08 -2.29 14.01
N GLN A 28 15.28 -2.82 14.18
CA GLN A 28 15.70 -3.31 15.49
C GLN A 28 16.19 -2.16 16.36
N GLN A 29 15.77 -2.18 17.63
CA GLN A 29 16.20 -1.14 18.56
C GLN A 29 17.66 -1.29 18.95
N ASP A 30 18.19 -2.51 18.88
CA ASP A 30 19.58 -2.78 19.25
C ASP A 30 20.48 -2.45 18.07
N ARG A 31 21.46 -1.56 18.30
CA ARG A 31 22.38 -1.16 17.24
C ARG A 31 23.39 -2.25 16.89
N SER A 32 23.61 -3.21 17.79
CA SER A 32 24.62 -4.25 17.56
C SER A 32 24.10 -5.39 16.71
N ILE A 33 22.79 -5.49 16.49
CA ILE A 33 22.22 -6.61 15.75
C ILE A 33 22.38 -6.37 14.26
N CYS A 34 22.83 -7.39 13.53
CA CYS A 34 22.97 -7.34 12.08
C CYS A 34 21.89 -8.23 11.45
N MET A 35 21.04 -7.63 10.63
CA MET A 35 20.07 -8.38 9.85
C MET A 35 20.64 -8.66 8.48
N ASN A 36 20.84 -9.95 8.17
CA ASN A 36 21.64 -10.35 7.03
C ASN A 36 20.94 -11.48 6.28
N ASN A 37 21.47 -11.77 5.08
CA ASN A 37 21.05 -12.84 4.19
C ASN A 37 19.55 -12.84 3.93
N PRO A 38 19.02 -11.83 3.26
CA PRO A 38 17.58 -11.80 2.98
C PRO A 38 17.21 -12.69 1.80
N LEU A 39 15.98 -13.20 1.84
CA LEU A 39 15.43 -14.03 0.77
C LEU A 39 14.01 -13.57 0.49
N LEU A 40 13.60 -13.59 -0.79
CA LEU A 40 12.28 -13.16 -1.17
C LEU A 40 11.81 -13.93 -2.39
N ASP A 41 10.59 -14.46 -2.33
CA ASP A 41 9.98 -15.17 -3.44
C ASP A 41 8.53 -14.70 -3.59
N ILE A 42 8.18 -14.24 -4.78
CA ILE A 42 6.85 -13.73 -5.08
C ILE A 42 6.18 -14.66 -6.08
N SER A 43 4.89 -14.92 -5.87
CA SER A 43 4.15 -15.82 -6.75
C SER A 43 2.66 -15.57 -6.59
N ASP A 44 1.98 -15.25 -7.68
CA ASP A 44 0.52 -15.09 -7.72
C ASP A 44 0.05 -14.01 -6.76
N GLY A 45 0.81 -12.93 -6.65
CA GLY A 45 0.42 -11.81 -5.83
C GLY A 45 0.72 -11.93 -4.36
N PHE A 46 1.45 -12.97 -3.94
CA PHE A 46 1.86 -13.16 -2.56
C PHE A 46 3.36 -13.37 -2.50
N PHE A 47 3.97 -12.97 -1.38
CA PHE A 47 5.41 -13.06 -1.22
C PHE A 47 5.76 -13.71 0.10
N THR A 48 7.02 -14.17 0.19
CA THR A 48 7.58 -14.73 1.42
C THR A 48 8.96 -14.12 1.62
N TYR A 49 9.16 -13.44 2.75
CA TYR A 49 10.42 -12.79 3.06
C TYR A 49 11.07 -13.45 4.27
N ILE A 50 12.40 -13.62 4.20
CA ILE A 50 13.18 -14.30 5.22
C ILE A 50 14.49 -13.55 5.40
N HIS A 51 14.94 -13.42 6.65
CA HIS A 51 16.28 -12.92 6.92
C HIS A 51 16.72 -13.41 8.28
N TYR A 52 18.03 -13.34 8.51
CA TYR A 52 18.69 -13.84 9.70
C TYR A 52 19.13 -12.68 10.57
N GLU A 53 19.09 -12.88 11.89
CA GLU A 53 19.51 -11.87 12.85
C GLU A 53 20.62 -12.43 13.73
N GLY A 54 21.72 -11.66 13.84
CA GLY A 54 22.84 -12.07 14.66
C GLY A 54 23.39 -10.90 15.44
N ILE A 55 24.25 -11.21 16.40
CA ILE A 55 24.81 -10.21 17.31
C ILE A 55 26.26 -9.94 16.91
N ASN A 56 26.51 -8.73 16.43
CA ASN A 56 27.85 -8.25 16.07
C ASN A 56 28.52 -9.17 15.04
N SER A 57 27.73 -9.83 14.22
CA SER A 57 28.23 -10.71 13.17
C SER A 57 27.10 -10.99 12.20
N CYS A 58 27.39 -10.88 10.91
CA CYS A 58 26.40 -11.05 9.86
C CYS A 58 26.48 -12.42 9.19
N LYS A 59 26.99 -13.42 9.89
CA LYS A 59 27.10 -14.77 9.33
C LYS A 59 25.81 -15.54 9.60
N LYS A 60 25.45 -16.40 8.65
CA LYS A 60 24.13 -17.02 8.66
C LYS A 60 23.94 -17.96 9.84
N SER A 61 24.80 -18.98 9.96
CA SER A 61 24.72 -19.89 11.11
C SER A 61 25.11 -19.22 12.42
N ASP A 62 25.72 -18.04 12.37
CA ASP A 62 26.09 -17.25 13.55
C ASP A 62 24.93 -16.39 14.02
N SER A 63 23.75 -16.99 14.15
CA SER A 63 22.52 -16.25 14.40
C SER A 63 21.78 -16.84 15.59
N PHE A 64 20.58 -16.32 15.85
CA PHE A 64 19.76 -16.74 16.98
C PHE A 64 18.29 -16.55 16.64
N LYS A 65 18.02 -15.78 15.58
CA LYS A 65 16.68 -15.50 15.12
C LYS A 65 16.62 -15.63 13.61
N VAL A 66 15.53 -16.20 13.10
CA VAL A 66 15.25 -16.26 11.67
C VAL A 66 13.83 -15.80 11.45
N LEU A 67 13.66 -14.68 10.75
CA LEU A 67 12.36 -14.09 10.51
C LEU A 67 11.69 -14.73 9.30
N LEU A 68 10.38 -14.96 9.40
CA LEU A 68 9.57 -15.50 8.32
C LEU A 68 8.36 -14.61 8.14
N SER A 69 8.23 -14.00 6.97
CA SER A 69 7.18 -13.04 6.68
C SER A 69 6.34 -13.50 5.51
N HIS A 70 5.01 -13.35 5.65
CA HIS A 70 4.05 -13.64 4.59
C HIS A 70 3.29 -12.37 4.27
N GLY A 71 2.99 -12.17 2.99
CA GLY A 71 2.30 -10.97 2.58
C GLY A 71 1.66 -11.10 1.22
N GLU A 72 1.11 -9.98 0.76
CA GLU A 72 0.32 -9.95 -0.47
C GLU A 72 0.68 -8.71 -1.26
N ILE A 73 0.57 -8.82 -2.58
CA ILE A 73 0.68 -7.69 -3.49
C ILE A 73 -0.69 -7.06 -3.66
N VAL A 74 -0.78 -5.75 -3.43
CA VAL A 74 -2.06 -5.06 -3.45
C VAL A 74 -1.90 -3.74 -4.20
N ASP A 75 -2.91 -3.41 -5.02
CA ASP A 75 -3.00 -2.09 -5.63
C ASP A 75 -3.67 -1.13 -4.65
N ARG A 76 -3.00 -0.01 -4.38
CA ARG A 76 -3.54 1.02 -3.49
C ARG A 76 -3.97 2.27 -4.26
N GLY A 77 -4.17 2.16 -5.57
CA GLY A 77 -4.41 3.32 -6.39
C GLY A 77 -3.20 4.23 -6.56
N ASP A 78 -2.03 3.75 -6.19
CA ASP A 78 -0.79 4.52 -6.20
C ASP A 78 -0.10 4.49 -7.55
N TYR A 79 -0.65 3.78 -8.53
CA TYR A 79 -0.03 3.55 -9.83
C TYR A 79 1.29 2.81 -9.69
N ARG A 80 1.39 1.97 -8.66
CA ARG A 80 2.57 1.16 -8.41
C ARG A 80 2.21 0.09 -7.40
N PRO A 81 2.88 -1.05 -7.41
CA PRO A 81 2.52 -2.13 -6.48
C PRO A 81 3.05 -1.86 -5.07
N SER A 82 2.25 -2.28 -4.09
CA SER A 82 2.58 -2.11 -2.68
C SER A 82 2.65 -3.47 -2.00
N LEU A 83 3.56 -3.58 -1.02
CA LEU A 83 3.72 -4.79 -0.23
C LEU A 83 2.85 -4.70 1.02
N TYR A 84 1.96 -5.67 1.20
CA TYR A 84 1.09 -5.74 2.37
C TYR A 84 1.55 -6.89 3.25
N LEU A 85 2.15 -6.55 4.39
CA LEU A 85 2.62 -7.57 5.33
C LEU A 85 1.44 -8.13 6.11
N LEU A 86 1.27 -9.46 6.05
CA LEU A 86 0.16 -10.12 6.72
C LEU A 86 0.59 -10.80 8.02
N SER A 87 1.60 -11.67 7.95
CA SER A 87 2.06 -12.43 9.11
C SER A 87 3.57 -12.34 9.21
N SER A 88 4.06 -12.37 10.45
CA SER A 88 5.50 -12.28 10.71
C SER A 88 5.81 -13.12 11.94
N HIS A 89 6.64 -14.15 11.75
CA HIS A 89 6.97 -15.08 12.82
C HIS A 89 8.46 -15.36 12.81
N TYR A 90 8.97 -15.83 13.94
CA TYR A 90 10.35 -16.27 14.05
C TYR A 90 10.40 -17.80 14.01
N HIS A 91 11.43 -18.33 13.37
CA HIS A 91 11.53 -19.77 13.18
C HIS A 91 11.70 -20.46 14.53
N PRO A 92 10.96 -21.53 14.81
CA PRO A 92 11.03 -22.14 16.15
C PRO A 92 12.37 -22.81 16.44
N TYR A 93 13.15 -23.13 15.42
CA TYR A 93 14.43 -23.81 15.59
C TYR A 93 15.59 -22.94 15.09
N SER A 94 15.45 -21.63 15.26
CA SER A 94 16.37 -20.67 14.65
C SER A 94 17.82 -20.93 15.06
N MET A 95 18.05 -21.26 16.33
CA MET A 95 19.43 -21.41 16.79
C MET A 95 20.14 -22.61 16.20
N GLN A 96 19.43 -23.45 15.44
CA GLN A 96 20.03 -24.62 14.80
C GLN A 96 19.88 -24.57 13.28
N VAL A 97 19.43 -23.46 12.73
CA VAL A 97 19.20 -23.35 11.29
C VAL A 97 20.54 -23.22 10.57
N ILE A 98 20.78 -24.10 9.61
CA ILE A 98 21.93 -23.98 8.72
C ILE A 98 21.59 -23.21 7.46
N ASN A 99 20.39 -23.43 6.91
CA ASN A 99 19.97 -22.76 5.69
C ASN A 99 18.46 -22.89 5.53
N CYS A 100 17.86 -21.92 4.85
CA CYS A 100 16.43 -21.94 4.55
C CYS A 100 16.20 -21.45 3.13
N VAL A 101 15.10 -21.90 2.53
CA VAL A 101 14.70 -21.45 1.21
C VAL A 101 13.21 -21.17 1.19
N PRO A 102 12.77 -20.01 0.68
CA PRO A 102 11.34 -19.70 0.64
C PRO A 102 10.67 -20.15 -0.64
N VAL A 103 9.40 -20.53 -0.50
CA VAL A 103 8.55 -20.90 -1.62
C VAL A 103 7.16 -20.36 -1.35
N THR A 104 6.62 -19.58 -2.29
CA THR A 104 5.25 -19.09 -2.22
C THR A 104 4.40 -19.95 -3.15
N CYS A 105 3.52 -20.77 -2.56
CA CYS A 105 2.66 -21.66 -3.31
C CYS A 105 1.21 -21.23 -3.11
N ASN A 106 0.47 -21.14 -4.22
CA ASN A 106 -0.92 -20.73 -4.21
C ASN A 106 -1.09 -19.41 -3.47
N GLN A 107 -1.47 -19.46 -2.20
CA GLN A 107 -1.69 -18.24 -1.44
C GLN A 107 -1.15 -18.36 -0.03
N SER A 108 -0.08 -19.15 0.15
CA SER A 108 0.53 -19.32 1.45
C SER A 108 2.05 -19.30 1.30
N SER A 109 2.74 -19.15 2.43
CA SER A 109 4.18 -19.15 2.50
C SER A 109 4.69 -20.52 2.96
N PHE A 110 5.80 -20.95 2.37
CA PHE A 110 6.41 -22.23 2.70
C PHE A 110 7.91 -22.03 2.84
N VAL A 111 8.47 -22.50 3.96
CA VAL A 111 9.89 -22.31 4.27
C VAL A 111 10.51 -23.69 4.49
N PHE A 112 11.57 -23.98 3.74
CA PHE A 112 12.27 -25.27 3.80
C PHE A 112 13.64 -25.03 4.42
N CYS A 113 13.84 -25.57 5.63
CA CYS A 113 15.05 -25.29 6.39
C CYS A 113 15.80 -26.57 6.72
N HIS A 114 17.12 -26.42 6.85
CA HIS A 114 18.01 -27.48 7.30
C HIS A 114 18.49 -27.14 8.70
N ILE A 115 18.25 -28.04 9.65
CA ILE A 115 18.54 -27.83 11.06
C ILE A 115 19.58 -28.85 11.50
N SER A 116 20.56 -28.41 12.29
CA SER A 116 21.62 -29.30 12.72
C SER A 116 22.23 -28.81 14.04
N ASN A 117 22.71 -29.78 14.83
CA ASN A 117 23.48 -29.45 16.02
C ASN A 117 24.90 -28.99 15.71
N ASN A 118 25.40 -29.29 14.51
CA ASN A 118 26.79 -29.08 14.16
C ASN A 118 26.87 -28.02 13.06
N THR A 119 27.43 -26.85 13.38
CA THR A 119 27.59 -25.80 12.40
C THR A 119 28.50 -26.21 11.26
N LYS A 120 29.35 -27.21 11.48
CA LYS A 120 30.22 -27.75 10.44
C LYS A 120 29.70 -29.06 9.86
N THR A 121 28.38 -29.25 9.88
CA THR A 121 27.80 -30.53 9.46
C THR A 121 28.14 -30.87 8.01
N LEU A 122 28.27 -29.86 7.15
CA LEU A 122 28.53 -30.11 5.74
C LEU A 122 29.96 -30.56 5.46
N ASP A 123 30.88 -30.40 6.42
CA ASP A 123 32.26 -30.80 6.23
C ASP A 123 32.60 -32.13 6.89
N ASN A 124 31.92 -32.51 7.97
CA ASN A 124 32.29 -33.71 8.72
C ASN A 124 31.12 -34.61 9.07
N SER A 125 29.91 -34.30 8.61
CA SER A 125 28.76 -35.12 8.96
C SER A 125 28.02 -35.55 7.70
N ASP A 126 26.80 -36.06 7.87
CA ASP A 126 25.97 -36.52 6.77
C ASP A 126 24.53 -36.13 7.05
N TYR A 127 23.67 -36.26 6.04
CA TYR A 127 22.31 -35.76 6.20
C TYR A 127 21.46 -36.65 7.11
N SER A 128 21.84 -37.91 7.32
CA SER A 128 21.10 -38.72 8.29
C SER A 128 21.23 -38.19 9.70
N SER A 129 22.29 -37.43 9.99
CA SER A 129 22.50 -36.86 11.31
C SER A 129 21.75 -35.55 11.54
N ASP A 130 21.12 -35.00 10.51
CA ASP A 130 20.44 -33.71 10.62
C ASP A 130 18.94 -33.89 10.38
N GLU A 131 18.20 -32.80 10.53
CA GLU A 131 16.76 -32.80 10.31
C GLU A 131 16.38 -31.66 9.37
N TYR A 132 15.27 -31.85 8.67
CA TYR A 132 14.79 -30.91 7.67
C TYR A 132 13.29 -30.71 7.86
N TYR A 133 12.85 -29.45 7.83
CA TYR A 133 11.49 -29.11 8.19
C TYR A 133 10.84 -28.24 7.12
N ILE A 134 9.51 -28.25 7.10
CA ILE A 134 8.69 -27.32 6.33
C ILE A 134 7.86 -26.51 7.30
N THR A 135 8.08 -25.20 7.32
CA THR A 135 7.27 -24.27 8.09
C THR A 135 6.38 -23.50 7.12
N TYR A 136 5.08 -23.54 7.34
CA TYR A 136 4.13 -22.93 6.42
C TYR A 136 3.04 -22.20 7.19
N PHE A 137 2.58 -21.09 6.61
CA PHE A 137 1.58 -20.24 7.24
C PHE A 137 1.10 -19.23 6.20
N ASN A 138 0.04 -18.51 6.57
CA ASN A 138 -0.46 -17.42 5.73
C ASN A 138 -0.87 -16.24 6.59
N GLY A 139 -1.87 -15.48 6.16
CA GLY A 139 -2.26 -14.29 6.90
C GLY A 139 -3.10 -14.59 8.12
N ILE A 140 -3.77 -15.74 8.15
CA ILE A 140 -4.70 -16.08 9.22
C ILE A 140 -4.26 -17.31 10.00
N ASP A 141 -3.74 -18.34 9.32
CA ASP A 141 -3.43 -19.58 10.01
C ASP A 141 -2.14 -19.43 10.82
N ARG A 142 -2.14 -20.06 11.99
CA ARG A 142 -0.94 -20.09 12.82
C ARG A 142 0.14 -20.93 12.14
N PRO A 143 1.41 -20.54 12.27
CA PRO A 143 2.47 -21.29 11.59
C PRO A 143 2.59 -22.70 12.14
N LYS A 144 2.81 -23.66 11.23
CA LYS A 144 2.98 -25.06 11.55
C LYS A 144 4.27 -25.57 10.93
N THR A 145 5.01 -26.39 11.67
CA THR A 145 6.29 -26.93 11.24
C THR A 145 6.20 -28.45 11.19
N LYS A 146 6.49 -29.02 10.03
CA LYS A 146 6.45 -30.46 9.83
C LYS A 146 7.84 -30.97 9.44
N LYS A 147 8.24 -32.09 10.02
CA LYS A 147 9.54 -32.67 9.73
C LYS A 147 9.48 -33.44 8.41
N ILE A 148 10.47 -33.24 7.56
CA ILE A 148 10.53 -33.91 6.27
C ILE A 148 11.12 -35.30 6.48
N PRO A 149 10.46 -36.36 6.00
CA PRO A 149 10.98 -37.73 6.18
C PRO A 149 12.05 -38.11 5.16
N ILE A 150 13.29 -37.70 5.46
CA ILE A 150 14.41 -38.01 4.58
C ILE A 150 14.75 -39.50 4.56
N ASN A 151 14.22 -40.28 5.51
CA ASN A 151 14.47 -41.71 5.52
C ASN A 151 13.88 -42.40 4.29
N ASN A 152 12.69 -41.97 3.86
CA ASN A 152 12.02 -42.52 2.68
C ASN A 152 12.37 -41.76 1.41
N MET A 153 13.59 -41.23 1.31
CA MET A 153 14.01 -40.41 0.18
C MET A 153 14.82 -41.26 -0.79
N THR A 154 14.60 -41.01 -2.09
CA THR A 154 15.36 -41.67 -3.14
C THR A 154 16.25 -40.65 -3.85
N ALA A 155 17.48 -41.04 -4.11
CA ALA A 155 18.47 -40.16 -4.70
C ALA A 155 19.01 -40.77 -6.00
N ASP A 156 19.40 -39.90 -6.93
CA ASP A 156 19.92 -40.34 -8.22
C ASP A 156 21.42 -40.61 -8.19
N ASN A 157 22.06 -40.40 -7.04
CA ASN A 157 23.49 -40.66 -6.90
C ASN A 157 23.78 -40.90 -5.42
N ARG A 158 25.04 -41.22 -5.12
CA ARG A 158 25.45 -41.60 -3.76
C ARG A 158 25.83 -40.34 -2.96
N TYR A 159 24.81 -39.54 -2.65
CA TYR A 159 25.02 -38.33 -1.88
C TYR A 159 25.15 -38.63 -0.40
N ILE A 160 26.05 -37.91 0.26
CA ILE A 160 26.25 -38.08 1.69
C ILE A 160 25.66 -36.93 2.50
N HIS A 161 25.37 -35.80 1.88
CA HIS A 161 24.81 -34.65 2.60
C HIS A 161 24.16 -33.70 1.60
N PHE A 162 23.31 -32.81 2.13
CA PHE A 162 22.65 -31.80 1.31
C PHE A 162 22.06 -30.72 2.22
N THR A 163 21.94 -29.51 1.68
CA THR A 163 21.26 -28.41 2.34
C THR A 163 20.46 -27.62 1.32
N PHE A 164 19.27 -27.19 1.71
CA PHE A 164 18.51 -26.23 0.92
C PHE A 164 19.29 -24.93 0.84
N SER A 165 19.77 -24.56 -0.34
CA SER A 165 20.58 -23.36 -0.51
C SER A 165 20.09 -22.60 -1.73
N GLY A 166 19.55 -21.41 -1.51
CA GLY A 166 19.09 -20.61 -2.63
C GLY A 166 18.20 -19.47 -2.19
N GLY A 167 17.86 -18.62 -3.16
CA GLY A 167 17.03 -17.45 -2.95
C GLY A 167 15.55 -17.64 -3.15
N GLY A 168 15.12 -18.84 -3.55
CA GLY A 168 13.71 -19.11 -3.72
C GLY A 168 13.43 -20.45 -4.36
N GLY A 169 12.20 -20.95 -4.21
CA GLY A 169 11.81 -22.22 -4.80
C GLY A 169 10.62 -22.06 -5.72
N VAL A 170 9.92 -23.16 -6.01
CA VAL A 170 8.87 -23.15 -7.03
C VAL A 170 7.82 -24.20 -6.67
N CYS A 171 6.56 -23.87 -6.96
CA CYS A 171 5.44 -24.78 -6.78
C CYS A 171 4.89 -25.15 -8.16
N LEU A 172 4.90 -26.45 -8.47
CA LEU A 172 4.35 -26.97 -9.72
C LEU A 172 3.33 -28.05 -9.40
N GLY A 173 2.06 -27.70 -9.42
CA GLY A 173 1.03 -28.66 -9.11
C GLY A 173 1.07 -29.02 -7.64
N GLU A 174 1.30 -30.30 -7.34
CA GLU A 174 1.41 -30.77 -5.97
C GLU A 174 2.85 -30.98 -5.53
N GLU A 175 3.82 -30.64 -6.37
CA GLU A 175 5.23 -30.86 -6.07
C GLU A 175 5.91 -29.54 -5.75
N PHE A 176 6.76 -29.57 -4.72
CA PHE A 176 7.68 -28.48 -4.43
C PHE A 176 9.05 -28.83 -4.99
N ILE A 177 9.69 -27.84 -5.61
CA ILE A 177 11.04 -28.00 -6.17
C ILE A 177 11.91 -26.94 -5.51
N ILE A 178 12.84 -27.36 -4.67
CA ILE A 178 13.68 -26.45 -3.89
C ILE A 178 15.12 -26.61 -4.36
N PRO A 179 15.86 -25.52 -4.58
CA PRO A 179 17.27 -25.65 -4.92
C PRO A 179 18.06 -26.19 -3.75
N VAL A 180 19.02 -27.07 -4.05
CA VAL A 180 19.78 -27.76 -3.02
C VAL A 180 21.22 -27.92 -3.48
N THR A 181 22.13 -27.93 -2.52
CA THR A 181 23.54 -28.24 -2.75
C THR A 181 23.86 -29.56 -2.07
N THR A 182 24.40 -30.50 -2.84
CA THR A 182 24.68 -31.84 -2.35
C THR A 182 26.18 -32.01 -2.09
N VAL A 183 26.50 -33.02 -1.28
CA VAL A 183 27.87 -33.37 -0.94
C VAL A 183 28.11 -34.83 -1.31
N ILE A 184 29.22 -35.10 -1.99
CA ILE A 184 29.62 -36.44 -2.35
C ILE A 184 31.15 -36.53 -2.23
N ASN A 185 31.63 -37.70 -1.80
CA ASN A 185 33.03 -37.86 -1.41
C ASN A 185 33.87 -38.58 -2.45
N THR A 186 33.38 -38.73 -3.68
CA THR A 186 34.16 -39.31 -4.76
C THR A 186 33.97 -38.49 -6.02
N ASP A 187 35.01 -38.42 -6.84
CA ASP A 187 35.01 -37.60 -8.05
C ASP A 187 34.36 -38.40 -9.17
N VAL A 188 33.05 -38.21 -9.33
CA VAL A 188 32.26 -38.91 -10.34
C VAL A 188 31.92 -38.01 -11.52
N PHE A 189 32.58 -36.86 -11.64
CA PHE A 189 32.15 -35.81 -12.56
C PHE A 189 33.08 -35.67 -13.74
N THR A 190 32.55 -35.06 -14.80
CA THR A 190 33.29 -34.72 -16.00
C THR A 190 33.23 -33.21 -16.21
N HIS A 191 34.16 -32.70 -17.01
CA HIS A 191 34.24 -31.27 -17.23
C HIS A 191 34.65 -30.99 -18.68
N ASP A 192 33.81 -31.40 -19.63
CA ASP A 192 34.14 -31.16 -21.04
C ASP A 192 34.16 -29.66 -21.35
N TYR A 193 33.25 -28.89 -20.76
CA TYR A 193 33.17 -27.47 -21.07
C TYR A 193 34.42 -26.73 -20.59
N CYS A 194 34.83 -26.98 -19.35
CA CYS A 194 36.02 -26.30 -18.84
C CYS A 194 37.26 -26.74 -19.60
N GLU A 195 37.38 -28.03 -19.89
CA GLU A 195 38.56 -28.54 -20.58
C GLU A 195 38.72 -27.95 -21.98
N SER A 196 37.66 -27.35 -22.52
CA SER A 196 37.73 -26.72 -23.84
C SER A 196 38.33 -25.32 -23.78
N PHE A 197 38.58 -24.78 -22.58
CA PHE A 197 39.10 -23.44 -22.46
C PHE A 197 40.54 -23.37 -22.93
N ASN A 198 40.87 -22.28 -23.61
CA ASN A 198 42.19 -22.06 -24.19
C ASN A 198 42.91 -21.02 -23.33
N CYS A 199 43.38 -21.47 -22.18
CA CYS A 199 44.04 -20.60 -21.22
C CYS A 199 45.45 -21.08 -20.97
N SER A 200 46.24 -20.21 -20.34
CA SER A 200 47.60 -20.54 -19.97
C SER A 200 47.62 -21.71 -19.00
N VAL A 201 48.46 -22.70 -19.30
CA VAL A 201 48.59 -23.88 -18.44
C VAL A 201 49.43 -23.50 -17.22
N GLN A 202 48.85 -23.66 -16.03
CA GLN A 202 49.58 -23.39 -14.80
C GLN A 202 50.67 -24.44 -14.61
N THR A 203 51.85 -23.96 -14.19
CA THR A 203 53.01 -24.85 -14.09
C THR A 203 52.81 -25.96 -13.05
N GLY A 204 51.90 -25.77 -12.11
CA GLY A 204 51.66 -26.77 -11.09
C GLY A 204 50.84 -27.95 -11.56
N LYS A 205 49.60 -27.69 -11.97
CA LYS A 205 48.64 -28.73 -12.32
C LYS A 205 48.19 -28.57 -13.78
N SER A 206 47.55 -29.61 -14.30
CA SER A 206 47.00 -29.59 -15.63
C SER A 206 45.57 -29.05 -15.61
N LEU A 207 45.05 -28.73 -16.81
CA LEU A 207 43.71 -28.18 -16.91
C LEU A 207 42.66 -29.20 -16.47
N LYS A 208 42.90 -30.49 -16.74
CA LYS A 208 41.97 -31.52 -16.29
C LYS A 208 41.96 -31.62 -14.78
N GLU A 209 43.12 -31.45 -14.13
CA GLU A 209 43.17 -31.46 -12.68
C GLU A 209 42.52 -30.22 -12.08
N ILE A 210 42.77 -29.05 -12.69
CA ILE A 210 42.24 -27.80 -12.15
C ILE A 210 40.72 -27.85 -12.02
N CYS A 211 40.06 -28.41 -13.03
CA CYS A 211 38.60 -28.37 -13.04
C CYS A 211 37.99 -29.41 -12.13
N SER A 212 38.61 -30.59 -12.05
CA SER A 212 38.16 -31.59 -11.09
C SER A 212 38.29 -31.08 -9.66
N GLU A 213 39.47 -30.56 -9.32
CA GLU A 213 39.72 -30.10 -7.96
C GLU A 213 38.93 -28.85 -7.61
N SER A 214 38.54 -28.06 -8.61
CA SER A 214 37.78 -26.84 -8.34
C SER A 214 36.36 -27.13 -7.86
N LEU A 215 35.88 -28.36 -8.03
CA LEU A 215 34.59 -28.76 -7.47
C LEU A 215 34.70 -29.21 -6.02
N ARG A 216 35.92 -29.36 -5.50
CA ARG A 216 36.07 -29.79 -4.12
C ARG A 216 35.66 -28.67 -3.18
N SER A 217 35.23 -29.06 -1.99
CA SER A 217 34.99 -28.10 -0.93
C SER A 217 36.32 -27.45 -0.55
N PRO A 218 36.36 -26.14 -0.35
CA PRO A 218 37.60 -25.50 0.13
C PRO A 218 37.89 -25.76 1.60
N THR A 219 36.99 -26.43 2.33
CA THR A 219 37.19 -26.70 3.76
C THR A 219 37.31 -28.18 4.08
N ASN A 220 37.23 -29.07 3.10
CA ASN A 220 37.44 -30.49 3.39
C ASN A 220 38.26 -31.18 2.31
N SER A 221 38.04 -30.83 1.04
CA SER A 221 38.84 -31.29 -0.10
C SER A 221 38.60 -32.76 -0.43
N SER A 222 38.20 -33.57 0.55
CA SER A 222 37.72 -34.91 0.28
C SER A 222 36.25 -34.93 -0.12
N ARG A 223 35.56 -33.80 -0.03
CA ARG A 223 34.16 -33.71 -0.38
C ARG A 223 33.98 -32.79 -1.58
N TYR A 224 32.94 -33.07 -2.36
CA TYR A 224 32.60 -32.30 -3.55
C TYR A 224 31.19 -31.73 -3.37
N ASN A 225 31.02 -30.46 -3.75
CA ASN A 225 29.73 -29.79 -3.63
C ASN A 225 29.12 -29.66 -5.01
N LEU A 226 28.02 -30.36 -5.23
CA LEU A 226 27.34 -30.43 -6.52
C LEU A 226 25.92 -29.92 -6.35
N ASN A 227 25.50 -29.02 -7.23
CA ASN A 227 24.16 -28.45 -7.12
C ASN A 227 23.11 -29.43 -7.62
N GLY A 228 21.88 -29.23 -7.16
CA GLY A 228 20.80 -30.10 -7.56
C GLY A 228 19.48 -29.56 -7.07
N ILE A 229 18.45 -30.39 -7.19
CA ILE A 229 17.11 -30.03 -6.74
C ILE A 229 16.55 -31.17 -5.91
N MET A 230 15.54 -30.84 -5.10
CA MET A 230 14.78 -31.81 -4.34
C MET A 230 13.30 -31.64 -4.67
N ILE A 231 12.67 -32.73 -5.08
CA ILE A 231 11.26 -32.73 -5.47
C ILE A 231 10.46 -33.35 -4.34
N ILE A 232 9.61 -32.56 -3.71
CA ILE A 232 8.81 -32.98 -2.56
C ILE A 232 7.34 -32.89 -2.95
N SER A 233 6.70 -34.05 -3.11
CA SER A 233 5.27 -34.11 -3.36
C SER A 233 4.56 -34.53 -2.08
N GLN A 234 3.38 -33.96 -1.85
CA GLN A 234 2.61 -34.26 -0.65
C GLN A 234 1.14 -33.97 -0.92
N ASN A 235 0.29 -34.54 -0.06
CA ASN A 235 -1.15 -34.29 -0.12
C ASN A 235 -1.50 -33.12 0.81
N ASN A 236 -1.42 -33.36 2.12
CA ASN A 236 -1.64 -32.33 3.12
C ASN A 236 -0.57 -32.50 4.20
N MET A 237 0.69 -32.34 3.79
CA MET A 237 1.84 -32.71 4.62
C MET A 237 1.73 -34.17 5.06
N THR A 238 1.27 -35.02 4.15
CA THR A 238 1.07 -36.44 4.39
C THR A 238 1.65 -37.25 3.23
N ASP A 239 2.05 -38.47 3.53
CA ASP A 239 2.55 -39.43 2.55
C ASP A 239 3.57 -38.78 1.62
N PHE A 240 4.63 -38.27 2.22
CA PHE A 240 5.66 -37.56 1.46
C PHE A 240 6.35 -38.49 0.48
N LYS A 241 6.62 -37.97 -0.72
CA LYS A 241 7.48 -38.63 -1.70
C LYS A 241 8.58 -37.65 -2.05
N ILE A 242 9.81 -37.98 -1.67
CA ILE A 242 10.94 -37.06 -1.77
C ILE A 242 11.97 -37.66 -2.70
N GLN A 243 12.44 -36.85 -3.66
CA GLN A 243 13.43 -37.27 -4.62
C GLN A 243 14.52 -36.21 -4.71
N LEU A 244 15.77 -36.65 -4.82
CA LEU A 244 16.92 -35.76 -4.85
C LEU A 244 17.68 -36.02 -6.15
N ASN A 245 17.64 -35.05 -7.05
CA ASN A 245 18.28 -35.16 -8.36
C ASN A 245 19.39 -34.13 -8.48
N GLY A 246 20.52 -34.55 -9.04
CA GLY A 246 21.62 -33.65 -9.25
C GLY A 246 21.49 -32.84 -10.53
N ILE A 247 22.23 -31.73 -10.56
CA ILE A 247 22.22 -30.87 -11.74
C ILE A 247 23.02 -31.55 -12.86
N THR A 248 22.78 -31.10 -14.08
CA THR A 248 23.45 -31.70 -15.23
C THR A 248 24.96 -31.52 -15.13
N TYR A 249 25.69 -32.51 -15.66
CA TYR A 249 27.14 -32.42 -15.68
C TYR A 249 27.64 -31.49 -16.79
N ASN A 250 26.75 -31.02 -17.65
CA ASN A 250 27.12 -30.02 -18.63
C ASN A 250 27.36 -28.68 -17.92
N LYS A 251 28.58 -28.15 -18.08
CA LYS A 251 28.99 -26.87 -17.49
C LYS A 251 28.79 -26.86 -15.97
N LEU A 252 29.46 -27.80 -15.31
CA LEU A 252 29.42 -27.86 -13.86
C LEU A 252 30.16 -26.68 -13.24
N SER A 253 29.61 -26.15 -12.15
CA SER A 253 30.27 -25.14 -11.35
C SER A 253 30.07 -25.49 -9.88
N PHE A 254 31.10 -25.18 -9.08
CA PHE A 254 31.12 -25.52 -7.66
C PHE A 254 29.80 -25.17 -6.99
N GLY A 255 29.38 -25.99 -6.03
CA GLY A 255 28.12 -25.81 -5.34
C GLY A 255 27.95 -24.42 -4.79
N SER A 256 26.76 -23.86 -4.96
CA SER A 256 26.50 -22.47 -4.59
C SER A 256 25.00 -22.27 -4.50
N PRO A 257 24.54 -21.24 -3.80
CA PRO A 257 23.10 -21.01 -3.70
C PRO A 257 22.50 -20.68 -5.06
N GLY A 258 21.35 -21.28 -5.34
CA GLY A 258 20.70 -21.12 -6.63
C GLY A 258 19.31 -20.52 -6.51
N ARG A 259 18.46 -20.71 -7.52
CA ARG A 259 17.09 -20.25 -7.43
C ARG A 259 16.27 -20.90 -8.53
N LEU A 260 15.00 -21.15 -8.23
CA LEU A 260 14.01 -21.55 -9.22
C LEU A 260 12.86 -20.56 -9.16
N SER A 261 12.43 -20.06 -10.32
CA SER A 261 11.35 -19.09 -10.39
C SER A 261 10.44 -19.42 -11.55
N LYS A 262 9.14 -19.23 -11.34
CA LYS A 262 8.13 -19.40 -12.38
C LYS A 262 7.92 -18.06 -13.07
N THR A 263 8.32 -17.98 -14.34
CA THR A 263 8.20 -16.73 -15.08
C THR A 263 7.91 -17.04 -16.55
N LEU A 264 6.85 -16.44 -17.07
CA LEU A 264 6.56 -16.45 -18.51
C LEU A 264 6.35 -17.88 -19.03
N GLY A 265 5.64 -18.70 -18.25
CA GLY A 265 5.35 -20.06 -18.66
C GLY A 265 6.52 -21.01 -18.66
N GLN A 266 7.70 -20.55 -18.26
CA GLN A 266 8.89 -21.39 -18.15
C GLN A 266 9.40 -21.35 -16.72
N VAL A 267 10.38 -22.21 -16.45
CA VAL A 267 11.03 -22.27 -15.13
C VAL A 267 12.48 -21.87 -15.32
N LEU A 268 12.88 -20.77 -14.67
CA LEU A 268 14.22 -20.24 -14.78
C LEU A 268 15.07 -20.66 -13.59
N TYR A 269 16.25 -21.22 -13.86
CA TYR A 269 17.20 -21.57 -12.83
C TYR A 269 18.38 -20.60 -12.88
N TYR A 270 18.82 -20.17 -11.70
CA TYR A 270 19.99 -19.33 -11.53
C TYR A 270 20.94 -20.02 -10.57
N GLN A 271 22.24 -19.91 -10.86
CA GLN A 271 23.27 -20.42 -9.96
C GLN A 271 24.34 -19.35 -9.80
N SER A 272 24.58 -18.94 -8.55
CA SER A 272 25.62 -17.96 -8.27
C SER A 272 26.98 -18.52 -8.68
N SER A 273 27.82 -17.66 -9.24
CA SER A 273 29.13 -18.07 -9.75
C SER A 273 30.16 -17.84 -8.66
N MET A 274 30.43 -18.89 -7.88
CA MET A 274 31.36 -18.83 -6.77
C MET A 274 32.67 -19.56 -7.06
N SER A 275 32.93 -19.90 -8.32
CA SER A 275 34.16 -20.59 -8.70
C SER A 275 34.89 -19.78 -9.78
N TRP A 276 35.49 -20.45 -10.77
CA TRP A 276 36.34 -19.75 -11.72
C TRP A 276 35.54 -19.08 -12.85
N ASP A 277 34.40 -19.64 -13.23
CA ASP A 277 33.57 -19.04 -14.28
C ASP A 277 32.73 -17.94 -13.66
N THR A 278 33.22 -16.71 -13.76
CA THR A 278 32.62 -15.58 -13.07
C THR A 278 31.45 -14.96 -13.84
N TYR A 279 31.03 -15.55 -14.96
CA TYR A 279 29.92 -15.00 -15.71
C TYR A 279 28.61 -15.67 -15.32
N LEU A 280 27.51 -15.04 -15.73
CA LEU A 280 26.18 -15.44 -15.27
C LEU A 280 25.87 -16.89 -15.63
N LYS A 281 25.55 -17.69 -14.62
CA LYS A 281 25.03 -19.04 -14.81
C LYS A 281 23.53 -19.00 -14.60
N ALA A 282 22.77 -19.16 -15.68
CA ALA A 282 21.32 -19.17 -15.63
C ALA A 282 20.79 -19.83 -16.88
N GLY A 283 19.52 -20.22 -16.84
CA GLY A 283 18.92 -20.93 -17.95
C GLY A 283 17.56 -21.52 -17.63
N PHE A 284 16.75 -21.74 -18.66
CA PHE A 284 15.43 -22.34 -18.49
C PHE A 284 15.55 -23.85 -18.50
N VAL A 285 14.62 -24.51 -17.79
CA VAL A 285 14.71 -25.95 -17.55
C VAL A 285 14.19 -26.70 -18.77
N GLU A 286 15.05 -27.55 -19.34
CA GLU A 286 14.66 -28.44 -20.45
C GLU A 286 14.08 -29.74 -19.90
N LYS A 287 14.92 -30.53 -19.23
CA LYS A 287 14.50 -31.76 -18.57
C LYS A 287 14.64 -31.61 -17.07
N TRP A 288 13.87 -32.43 -16.34
CA TRP A 288 13.92 -32.41 -14.89
C TRP A 288 14.80 -33.52 -14.31
N LYS A 289 14.93 -34.64 -15.00
CA LYS A 289 15.83 -35.72 -14.58
C LYS A 289 16.66 -36.14 -15.79
N PRO A 290 17.96 -35.79 -15.84
CA PRO A 290 18.62 -34.97 -14.81
C PRO A 290 18.24 -33.50 -14.92
N PHE A 291 18.39 -32.76 -13.82
CA PHE A 291 18.05 -31.34 -13.80
C PHE A 291 18.92 -30.57 -14.78
N THR A 292 18.42 -30.37 -16.01
CA THR A 292 19.18 -29.75 -17.08
C THR A 292 18.62 -28.38 -17.40
N PRO A 293 19.22 -27.29 -16.92
CA PRO A 293 18.88 -25.96 -17.42
C PRO A 293 19.66 -25.64 -18.68
N ASN A 294 18.97 -25.10 -19.67
CA ASN A 294 19.61 -24.69 -20.91
C ASN A 294 20.47 -23.47 -20.66
N TRP A 295 21.76 -23.69 -20.35
CA TRP A 295 22.62 -22.63 -19.85
C TRP A 295 22.75 -21.50 -20.87
N MET A 296 22.67 -20.27 -20.38
CA MET A 296 22.83 -19.11 -21.24
C MET A 296 24.30 -18.92 -21.60
N ASN A 297 24.52 -18.19 -22.69
CA ASN A 297 25.90 -17.83 -23.03
C ASN A 297 26.10 -16.34 -22.84
N ASN A 298 26.05 -15.90 -21.59
CA ASN A 298 26.09 -14.49 -21.27
C ASN A 298 27.54 -14.02 -21.17
N THR A 299 27.86 -12.96 -21.90
CA THR A 299 29.23 -12.46 -21.96
C THR A 299 29.41 -11.10 -21.31
N VAL A 300 28.40 -10.60 -20.59
CA VAL A 300 28.43 -9.23 -20.08
C VAL A 300 28.09 -9.12 -18.61
N ILE A 301 27.51 -10.15 -17.99
CA ILE A 301 27.08 -10.08 -16.58
C ILE A 301 28.02 -10.93 -15.75
N SER A 302 28.60 -10.33 -14.72
CA SER A 302 29.54 -11.01 -13.83
C SER A 302 29.27 -10.56 -12.40
N ARG A 303 30.29 -10.66 -11.55
CA ARG A 303 30.15 -10.31 -10.14
C ARG A 303 31.54 -10.08 -9.55
N PRO A 304 31.64 -9.29 -8.50
CA PRO A 304 32.94 -9.06 -7.86
C PRO A 304 33.34 -10.21 -6.94
N ASN A 305 34.64 -10.30 -6.69
CA ASN A 305 35.21 -11.24 -5.73
C ASN A 305 36.68 -10.90 -5.54
N GLN A 306 37.16 -11.10 -4.31
CA GLN A 306 38.58 -11.02 -4.06
C GLN A 306 39.29 -12.26 -4.61
N GLY A 307 40.61 -12.17 -4.72
CA GLY A 307 41.39 -13.32 -5.12
C GLY A 307 41.61 -13.39 -6.62
N ASN A 308 41.89 -14.61 -7.07
CA ASN A 308 42.34 -14.85 -8.43
C ASN A 308 41.22 -14.86 -9.46
N CYS A 309 39.96 -14.75 -9.04
CA CYS A 309 38.82 -14.73 -9.95
C CYS A 309 37.96 -13.53 -9.66
N PRO A 310 38.40 -12.32 -10.05
CA PRO A 310 37.55 -11.14 -9.87
C PRO A 310 36.52 -11.04 -10.98
N ARG A 311 35.87 -9.87 -11.10
CA ARG A 311 34.88 -9.69 -12.15
C ARG A 311 35.49 -9.90 -13.52
N TYR A 312 34.72 -10.51 -14.42
CA TYR A 312 35.05 -10.77 -15.82
C TYR A 312 36.18 -11.78 -15.98
N HIS A 313 36.55 -12.50 -14.93
CA HIS A 313 37.54 -13.56 -15.05
C HIS A 313 36.93 -14.76 -15.76
N LYS A 314 37.67 -15.33 -16.70
CA LYS A 314 37.16 -16.40 -17.55
C LYS A 314 37.87 -17.73 -17.36
N CYS A 315 39.17 -17.73 -17.08
CA CYS A 315 39.97 -18.95 -17.18
C CYS A 315 39.76 -19.86 -15.98
N PRO A 316 39.77 -21.18 -16.19
CA PRO A 316 39.62 -22.13 -15.08
C PRO A 316 40.73 -21.97 -14.06
N GLU A 317 40.35 -22.04 -12.79
CA GLU A 317 41.24 -21.80 -11.67
C GLU A 317 40.57 -22.32 -10.41
N ILE A 318 41.38 -22.86 -9.48
CA ILE A 318 40.85 -23.29 -8.20
C ILE A 318 40.53 -22.05 -7.39
N CYS A 319 39.30 -21.57 -7.55
CA CYS A 319 38.81 -20.32 -6.96
C CYS A 319 37.59 -20.61 -6.09
N TYR A 320 37.39 -19.76 -5.08
CA TYR A 320 36.18 -19.81 -4.27
C TYR A 320 35.83 -18.38 -3.87
N GLY A 321 34.55 -18.04 -3.98
CA GLY A 321 34.11 -16.71 -3.65
C GLY A 321 33.24 -16.09 -4.73
N GLY A 322 32.45 -15.11 -4.35
CA GLY A 322 31.51 -14.48 -5.27
C GLY A 322 30.33 -13.93 -4.51
N THR A 323 29.39 -13.36 -5.27
CA THR A 323 28.18 -12.79 -4.71
C THR A 323 26.95 -13.37 -5.39
N TYR A 324 25.85 -13.44 -4.64
CA TYR A 324 24.58 -13.92 -5.15
C TYR A 324 23.80 -12.76 -5.74
N ASN A 325 23.38 -12.89 -7.01
CA ASN A 325 22.69 -11.82 -7.73
C ASN A 325 21.62 -12.42 -8.64
N ASP A 326 20.39 -12.51 -8.14
CA ASP A 326 19.29 -13.04 -8.90
C ASP A 326 19.07 -12.26 -10.19
N ILE A 327 18.44 -12.93 -11.16
CA ILE A 327 17.97 -12.30 -12.38
C ILE A 327 16.48 -12.56 -12.51
N ALA A 328 15.84 -11.79 -13.39
CA ALA A 328 14.41 -11.96 -13.64
C ALA A 328 14.16 -11.67 -15.10
N PRO A 329 13.49 -12.56 -15.82
CA PRO A 329 13.27 -12.34 -17.25
C PRO A 329 12.13 -11.35 -17.51
N LEU A 330 12.32 -10.54 -18.54
CA LEU A 330 11.35 -9.53 -18.96
C LEU A 330 10.67 -9.86 -20.28
N ASP A 331 11.40 -10.39 -21.25
CA ASP A 331 10.83 -10.73 -22.55
C ASP A 331 11.55 -11.96 -23.09
N LEU A 332 10.78 -13.00 -23.42
CA LEU A 332 11.37 -14.24 -23.88
C LEU A 332 11.94 -14.11 -25.28
N GLY A 333 11.20 -13.44 -26.17
CA GLY A 333 11.66 -13.32 -27.55
C GLY A 333 12.92 -12.47 -27.69
N LYS A 334 13.02 -11.42 -26.88
CA LYS A 334 14.17 -10.51 -26.93
C LYS A 334 15.31 -10.95 -26.02
N ASP A 335 15.14 -12.05 -25.29
CA ASP A 335 16.19 -12.60 -24.42
C ASP A 335 16.64 -11.57 -23.37
N MET A 336 15.67 -10.87 -22.80
CA MET A 336 15.94 -9.78 -21.87
C MET A 336 15.79 -10.25 -20.43
N TYR A 337 16.64 -9.73 -19.56
CA TYR A 337 16.61 -10.01 -18.13
C TYR A 337 16.97 -8.75 -17.38
N VAL A 338 16.58 -8.71 -16.10
CA VAL A 338 16.92 -7.60 -15.21
C VAL A 338 17.55 -8.18 -13.96
N SER A 339 18.48 -7.42 -13.38
CA SER A 339 19.23 -7.90 -12.22
C SER A 339 19.94 -6.72 -11.57
N VAL A 340 20.04 -6.77 -10.24
CA VAL A 340 20.80 -5.78 -9.50
C VAL A 340 22.18 -6.39 -9.28
N ILE A 341 23.16 -5.92 -10.06
CA ILE A 341 24.52 -6.43 -10.00
C ILE A 341 25.41 -5.38 -9.34
N LEU A 342 26.63 -5.79 -9.02
CA LEU A 342 27.57 -4.95 -8.29
C LEU A 342 28.63 -4.42 -9.25
N ASP A 343 28.72 -3.10 -9.38
CA ASP A 343 29.65 -2.47 -10.30
C ASP A 343 31.00 -2.26 -9.61
N SER A 344 31.70 -3.37 -9.43
CA SER A 344 33.02 -3.37 -8.81
C SER A 344 33.74 -4.65 -9.22
N ASP A 345 35.06 -4.56 -9.33
CA ASP A 345 35.85 -5.72 -9.75
C ASP A 345 36.06 -6.70 -8.61
N GLN A 346 36.34 -6.21 -7.41
CA GLN A 346 36.69 -7.07 -6.28
C GLN A 346 35.88 -6.83 -5.02
N LEU A 347 35.35 -5.64 -4.80
CA LEU A 347 34.57 -5.33 -3.61
C LEU A 347 33.08 -5.51 -3.89
N ALA A 348 32.32 -5.83 -2.85
CA ALA A 348 30.88 -6.01 -2.96
C ALA A 348 30.21 -4.69 -2.66
N GLU A 349 30.09 -3.84 -3.69
CA GLU A 349 29.58 -2.50 -3.52
C GLU A 349 28.97 -2.03 -4.83
N ASN A 350 28.35 -0.85 -4.79
CA ASN A 350 27.77 -0.15 -5.93
C ASN A 350 26.75 -1.01 -6.68
N PRO A 351 25.58 -1.28 -6.09
CA PRO A 351 24.56 -2.03 -6.82
C PRO A 351 23.94 -1.21 -7.94
N GLU A 352 23.67 -1.88 -9.07
CA GLU A 352 23.10 -1.23 -10.24
C GLU A 352 22.00 -2.10 -10.82
N ILE A 353 20.82 -1.51 -10.97
CA ILE A 353 19.74 -2.16 -11.71
C ILE A 353 20.15 -2.24 -13.18
N THR A 354 20.23 -3.46 -13.71
CA THR A 354 20.79 -3.68 -15.04
C THR A 354 19.81 -4.50 -15.88
N VAL A 355 19.38 -3.93 -17.00
CA VAL A 355 18.58 -4.65 -18.01
C VAL A 355 19.52 -5.02 -19.14
N PHE A 356 19.60 -6.31 -19.47
CA PHE A 356 20.67 -6.78 -20.34
C PHE A 356 20.21 -7.89 -21.28
N ASN A 357 20.96 -8.01 -22.36
CA ASN A 357 20.95 -9.12 -23.30
C ASN A 357 21.83 -10.26 -22.77
N SER A 358 21.90 -11.35 -23.52
CA SER A 358 22.98 -12.29 -23.31
C SER A 358 24.32 -11.74 -23.81
N THR A 359 24.29 -10.75 -24.71
CA THR A 359 25.50 -10.25 -25.34
C THR A 359 25.77 -8.78 -25.11
N THR A 360 24.77 -7.98 -24.72
CA THR A 360 24.95 -6.55 -24.55
C THR A 360 24.15 -6.06 -23.36
N ILE A 361 24.66 -5.03 -22.70
CA ILE A 361 23.93 -4.34 -21.64
C ILE A 361 23.09 -3.26 -22.28
N LEU A 362 21.78 -3.27 -22.00
CA LEU A 362 20.88 -2.30 -22.61
C LEU A 362 20.89 -0.97 -21.86
N TYR A 363 20.58 -0.98 -20.57
CA TYR A 363 20.62 0.23 -19.77
C TYR A 363 20.74 -0.13 -18.30
N LYS A 364 21.14 0.84 -17.49
CA LYS A 364 21.47 0.59 -16.09
C LYS A 364 21.32 1.87 -15.30
N GLU A 365 21.18 1.72 -13.98
CA GLU A 365 21.12 2.87 -13.07
C GLU A 365 21.61 2.44 -11.70
N ARG A 366 22.48 3.26 -11.11
CA ARG A 366 22.92 3.02 -9.74
C ARG A 366 21.76 3.18 -8.77
N VAL A 367 21.76 2.36 -7.72
CA VAL A 367 20.68 2.45 -6.72
C VAL A 367 20.86 3.68 -5.86
N SER A 368 22.08 3.96 -5.43
CA SER A 368 22.39 5.09 -4.57
C SER A 368 23.46 5.97 -5.21
N LYS A 369 23.33 7.29 -4.99
CA LYS A 369 24.35 8.20 -5.49
C LYS A 369 25.65 8.07 -4.70
N ASP A 370 25.54 7.80 -3.40
CA ASP A 370 26.70 7.55 -2.57
C ASP A 370 27.14 6.09 -2.70
N GLU A 371 28.40 5.84 -2.37
CA GLU A 371 28.89 4.47 -2.38
C GLU A 371 28.15 3.64 -1.33
N LEU A 372 27.70 2.46 -1.73
CA LEU A 372 26.86 1.61 -0.91
C LEU A 372 27.40 0.18 -0.91
N ASN A 373 27.58 -0.38 0.28
CA ASN A 373 28.03 -1.76 0.42
C ASN A 373 26.83 -2.70 0.29
N THR A 374 26.98 -3.75 -0.51
CA THR A 374 25.89 -4.69 -0.77
C THR A 374 26.48 -6.07 -1.02
N ARG A 375 26.09 -7.04 -0.19
CA ARG A 375 26.67 -8.38 -0.23
C ARG A 375 25.90 -9.33 -1.14
N SER A 376 24.60 -9.10 -1.35
CA SER A 376 23.80 -9.96 -2.20
C SER A 376 22.53 -9.23 -2.58
N THR A 377 21.99 -9.57 -3.76
CA THR A 377 20.74 -9.01 -4.23
C THR A 377 19.84 -10.13 -4.75
N THR A 378 18.53 -9.92 -4.62
CA THR A 378 17.52 -10.80 -5.21
C THR A 378 16.48 -9.93 -5.91
N THR A 379 15.97 -10.42 -7.03
CA THR A 379 15.01 -9.65 -7.82
C THR A 379 13.88 -10.55 -8.28
N SER A 380 12.65 -10.04 -8.19
CA SER A 380 11.47 -10.72 -8.69
C SER A 380 10.61 -9.72 -9.44
N CYS A 381 10.10 -10.15 -10.60
CA CYS A 381 9.29 -9.29 -11.45
C CYS A 381 7.93 -9.93 -11.72
N PHE A 382 6.94 -9.09 -11.99
CA PHE A 382 5.56 -9.53 -12.14
C PHE A 382 4.80 -8.46 -12.91
N LEU A 383 3.63 -8.85 -13.41
CA LEU A 383 2.75 -7.91 -14.11
C LEU A 383 1.88 -7.17 -13.09
N PHE A 384 1.84 -5.85 -13.22
CA PHE A 384 1.01 -5.01 -12.37
C PHE A 384 0.40 -3.91 -13.23
N LEU A 385 -0.93 -3.85 -13.27
CA LEU A 385 -1.66 -2.87 -14.09
C LEU A 385 -1.22 -2.95 -15.56
N ASP A 386 -1.08 -4.19 -16.05
CA ASP A 386 -0.67 -4.46 -17.43
C ASP A 386 0.70 -3.85 -17.76
N GLU A 387 1.58 -3.77 -16.76
CA GLU A 387 2.91 -3.21 -16.92
C GLU A 387 3.89 -4.03 -16.12
N PRO A 388 5.17 -4.11 -16.56
CA PRO A 388 6.13 -4.95 -15.83
C PRO A 388 6.79 -4.22 -14.67
N TRP A 389 6.60 -4.73 -13.47
CA TRP A 389 7.18 -4.18 -12.26
C TRP A 389 8.08 -5.22 -11.59
N CYS A 390 9.05 -4.72 -10.82
CA CYS A 390 10.01 -5.59 -10.15
C CYS A 390 10.26 -5.08 -8.74
N ILE A 391 10.57 -6.02 -7.85
CA ILE A 391 10.92 -5.71 -6.47
C ILE A 391 12.22 -6.43 -6.15
N SER A 392 13.20 -5.68 -5.64
CA SER A 392 14.51 -6.22 -5.31
C SER A 392 14.83 -5.95 -3.85
N VAL A 393 15.58 -6.87 -3.25
CA VAL A 393 16.09 -6.75 -1.88
C VAL A 393 17.60 -6.79 -1.94
N LEU A 394 18.25 -5.83 -1.28
CA LEU A 394 19.69 -5.71 -1.27
C LEU A 394 20.20 -5.89 0.15
N GLU A 395 21.20 -6.73 0.33
CA GLU A 395 21.81 -6.96 1.64
C GLU A 395 22.84 -5.84 1.87
N THR A 396 22.36 -4.74 2.42
CA THR A 396 23.13 -3.50 2.50
C THR A 396 23.78 -3.33 3.86
N ASN A 397 24.82 -2.48 3.89
CA ASN A 397 25.47 -2.03 5.12
C ASN A 397 25.85 -0.56 4.91
N ARG A 398 24.84 0.30 4.86
CA ARG A 398 25.10 1.71 4.61
C ARG A 398 25.56 2.44 5.87
N PHE A 399 24.97 2.10 7.01
CA PHE A 399 25.33 2.73 8.28
C PHE A 399 26.45 1.91 8.91
N ASN A 400 27.68 2.34 8.68
CA ASN A 400 28.81 1.72 9.40
C ASN A 400 28.87 2.16 10.85
N GLY A 401 27.92 2.99 11.30
CA GLY A 401 27.85 3.42 12.69
C GLY A 401 26.56 3.01 13.37
N LYS A 402 25.51 2.74 12.59
CA LYS A 402 24.25 2.27 13.12
C LYS A 402 24.06 0.79 12.79
N SER A 403 22.85 0.28 13.00
CA SER A 403 22.58 -1.14 12.82
C SER A 403 22.51 -1.48 11.33
N ILE A 404 22.81 -2.74 11.02
CA ILE A 404 22.83 -3.23 9.64
C ILE A 404 21.46 -3.83 9.32
N ARG A 405 20.92 -3.45 8.16
CA ARG A 405 19.58 -3.91 7.79
C ARG A 405 19.41 -3.92 6.28
N PRO A 406 18.82 -4.97 5.71
CA PRO A 406 18.61 -4.99 4.25
C PRO A 406 17.52 -4.01 3.84
N GLU A 407 17.47 -3.73 2.55
CA GLU A 407 16.58 -2.72 1.99
C GLU A 407 15.81 -3.31 0.81
N ILE A 408 14.57 -2.85 0.66
CA ILE A 408 13.67 -3.31 -0.39
C ILE A 408 13.38 -2.13 -1.32
N TYR A 409 13.49 -2.35 -2.62
CA TYR A 409 13.22 -1.33 -3.63
C TYR A 409 12.23 -1.86 -4.65
N SER A 410 11.34 -0.98 -5.10
CA SER A 410 10.38 -1.30 -6.16
C SER A 410 10.60 -0.34 -7.32
N TYR A 411 10.54 -0.88 -8.54
CA TYR A 411 10.78 -0.08 -9.74
C TYR A 411 10.05 -0.71 -10.92
N LYS A 412 9.83 0.11 -11.94
CA LYS A 412 9.12 -0.30 -13.15
C LYS A 412 10.07 -0.30 -14.34
N ILE A 413 9.91 -1.28 -15.20
CA ILE A 413 10.68 -1.29 -16.46
C ILE A 413 10.20 -0.12 -17.32
N PRO A 414 11.11 0.70 -17.85
CA PRO A 414 10.67 1.93 -18.54
C PRO A 414 9.83 1.64 -19.78
N LYS A 415 8.71 2.37 -19.89
CA LYS A 415 7.84 2.24 -21.06
C LYS A 415 8.55 2.71 -22.32
N TYR A 416 9.25 3.85 -22.23
CA TYR A 416 9.98 4.41 -23.36
C TYR A 416 11.45 4.56 -22.98
N CYS A 417 12.31 4.60 -23.99
CA CYS A 417 13.75 4.67 -23.79
C CYS A 417 14.19 6.13 -23.64
N GLY A 418 15.07 6.36 -22.66
CA GLY A 418 15.69 7.66 -22.48
C GLY A 418 14.74 8.78 -22.08
N THR A 419 14.12 8.66 -20.91
CA THR A 419 13.22 9.68 -20.38
C THR A 419 13.66 10.05 -18.98
N LYS A 420 14.10 11.29 -18.81
CA LYS A 420 14.52 11.78 -17.50
C LYS A 420 14.31 13.29 -17.38
N GLY B 3 -34.10 19.64 -16.89
CA GLY B 3 -33.73 21.02 -17.16
C GLY B 3 -32.24 21.21 -17.37
N LYS B 4 -31.85 21.63 -18.57
CA LYS B 4 -30.45 21.83 -18.92
C LYS B 4 -30.15 23.27 -19.33
N ILE B 5 -31.06 24.20 -19.09
CA ILE B 5 -30.89 25.59 -19.51
C ILE B 5 -30.88 26.46 -18.25
N PHE B 6 -29.71 27.00 -17.91
CA PHE B 6 -29.57 27.94 -16.82
C PHE B 6 -28.29 28.73 -17.05
N CYS B 7 -28.02 29.69 -16.17
CA CYS B 7 -26.86 30.56 -16.35
C CYS B 7 -25.57 29.78 -16.18
N LYS B 8 -24.74 29.77 -17.22
CA LYS B 8 -23.48 29.03 -17.21
C LYS B 8 -22.29 29.90 -17.60
N SER B 9 -22.40 31.22 -17.44
CA SER B 9 -21.38 32.15 -17.89
C SER B 9 -20.98 33.09 -16.76
N VAL B 10 -19.88 33.81 -16.98
CA VAL B 10 -19.39 34.78 -16.01
C VAL B 10 -20.31 36.00 -16.04
N SER B 11 -20.96 36.29 -14.91
CA SER B 11 -21.92 37.39 -14.85
C SER B 11 -21.95 37.94 -13.44
N LYS B 12 -22.64 39.06 -13.29
CA LYS B 12 -22.81 39.72 -12.00
C LYS B 12 -24.30 39.86 -11.69
N ASP B 13 -24.58 40.22 -10.44
CA ASP B 13 -25.93 40.43 -9.92
C ASP B 13 -26.83 39.23 -10.24
N PRO B 14 -26.59 38.06 -9.66
CA PRO B 14 -27.49 36.93 -9.90
C PRO B 14 -28.66 36.91 -8.94
N ASP B 15 -29.77 36.36 -9.42
CA ASP B 15 -30.99 36.22 -8.63
C ASP B 15 -31.16 34.75 -8.30
N PHE B 16 -30.68 34.35 -7.12
CA PHE B 16 -30.87 32.99 -6.64
C PHE B 16 -32.26 32.75 -6.05
N ARG B 17 -33.07 33.80 -5.90
CA ARG B 17 -34.36 33.71 -5.24
C ARG B 17 -34.21 33.10 -3.84
N LEU B 18 -33.20 33.61 -3.13
CA LEU B 18 -32.86 33.07 -1.82
C LEU B 18 -33.96 33.33 -0.80
N LYS B 19 -34.24 32.32 0.01
CA LYS B 19 -35.23 32.43 1.07
C LYS B 19 -34.80 31.51 2.21
N GLN B 20 -34.98 32.00 3.43
CA GLN B 20 -34.62 31.23 4.62
C GLN B 20 -35.78 30.34 5.04
N ILE B 21 -35.45 29.18 5.60
CA ILE B 21 -36.42 28.24 6.16
C ILE B 21 -36.18 28.18 7.66
N ASP B 22 -37.19 28.57 8.44
CA ASP B 22 -37.06 28.74 9.88
C ASP B 22 -37.90 27.79 10.71
N TYR B 23 -38.85 27.08 10.11
CA TYR B 23 -39.75 26.21 10.87
C TYR B 23 -39.23 24.78 11.01
N VAL B 24 -38.08 24.47 10.42
CA VAL B 24 -37.57 23.10 10.47
C VAL B 24 -36.75 22.87 11.74
N ILE B 25 -35.73 23.70 11.96
CA ILE B 25 -34.82 23.51 13.09
C ILE B 25 -35.50 24.02 14.36
N PRO B 26 -35.48 23.26 15.45
CA PRO B 26 -36.14 23.71 16.68
C PRO B 26 -35.43 24.91 17.29
N VAL B 27 -36.19 25.67 18.08
CA VAL B 27 -35.67 26.82 18.82
C VAL B 27 -35.59 26.45 20.28
N GLN B 28 -34.45 26.74 20.91
CA GLN B 28 -34.22 26.42 22.31
C GLN B 28 -34.50 27.66 23.16
N GLN B 29 -35.33 27.50 24.19
CA GLN B 29 -35.59 28.61 25.10
C GLN B 29 -34.37 28.92 25.95
N ASP B 30 -33.61 27.90 26.33
CA ASP B 30 -32.39 28.09 27.10
C ASP B 30 -31.30 28.64 26.18
N ARG B 31 -30.91 29.90 26.41
CA ARG B 31 -29.93 30.56 25.56
C ARG B 31 -28.52 30.03 25.74
N SER B 32 -28.28 29.19 26.75
CA SER B 32 -26.95 28.63 26.98
C SER B 32 -26.66 27.43 26.09
N ILE B 33 -27.69 26.83 25.48
CA ILE B 33 -27.51 25.65 24.65
C ILE B 33 -26.99 26.09 23.28
N CYS B 34 -25.96 25.40 22.80
CA CYS B 34 -25.35 25.68 21.50
C CYS B 34 -25.68 24.55 20.55
N MET B 35 -26.47 24.85 19.53
CA MET B 35 -26.78 23.90 18.46
C MET B 35 -25.70 24.03 17.38
N ASN B 36 -24.89 23.00 17.22
CA ASN B 36 -23.68 23.07 16.42
C ASN B 36 -23.56 21.85 15.52
N ASN B 37 -22.59 21.92 14.60
CA ASN B 37 -22.23 20.87 13.66
C ASN B 37 -23.45 20.27 12.96
N PRO B 38 -24.13 21.03 12.10
CA PRO B 38 -25.29 20.49 11.39
C PRO B 38 -24.88 19.61 10.22
N LEU B 39 -25.74 18.62 9.93
CA LEU B 39 -25.55 17.71 8.82
C LEU B 39 -26.87 17.56 8.08
N LEU B 40 -26.80 17.47 6.75
CA LEU B 40 -28.00 17.31 5.95
C LEU B 40 -27.68 16.44 4.74
N ASP B 41 -28.58 15.49 4.46
CA ASP B 41 -28.47 14.64 3.29
C ASP B 41 -29.86 14.47 2.68
N ILE B 42 -29.98 14.78 1.41
CA ILE B 42 -31.25 14.72 0.69
C ILE B 42 -31.15 13.63 -0.37
N SER B 43 -32.23 12.87 -0.52
CA SER B 43 -32.29 11.83 -1.54
C SER B 43 -33.73 11.48 -1.84
N ASP B 44 -34.08 11.44 -3.11
CA ASP B 44 -35.40 10.96 -3.58
C ASP B 44 -36.54 11.70 -2.92
N GLY B 45 -36.37 13.00 -2.67
CA GLY B 45 -37.44 13.81 -2.11
C GLY B 45 -37.58 13.74 -0.61
N PHE B 46 -36.62 13.12 0.09
CA PHE B 46 -36.63 13.07 1.54
C PHE B 46 -35.27 13.52 2.05
N PHE B 47 -35.23 13.94 3.32
CA PHE B 47 -33.98 14.43 3.89
C PHE B 47 -33.80 13.89 5.30
N THR B 48 -32.55 13.94 5.75
CA THR B 48 -32.17 13.55 7.11
C THR B 48 -31.31 14.68 7.68
N TYR B 49 -31.76 15.26 8.80
CA TYR B 49 -31.07 16.38 9.41
C TYR B 49 -30.55 15.96 10.77
N ILE B 50 -29.32 16.39 11.08
CA ILE B 50 -28.66 16.07 12.35
C ILE B 50 -27.95 17.33 12.85
N HIS B 51 -28.06 17.57 14.15
CA HIS B 51 -27.23 18.59 14.80
C HIS B 51 -27.04 18.21 16.26
N TYR B 52 -26.05 18.86 16.88
CA TYR B 52 -25.63 18.56 18.24
C TYR B 52 -25.99 19.71 19.16
N GLU B 53 -26.36 19.39 20.40
CA GLU B 53 -26.74 20.38 21.40
C GLU B 53 -25.86 20.22 22.63
N GLY B 54 -25.21 21.30 23.04
CA GLY B 54 -24.36 21.28 24.21
C GLY B 54 -24.54 22.54 25.04
N ILE B 55 -24.06 22.47 26.27
CA ILE B 55 -24.20 23.56 27.23
C ILE B 55 -22.87 24.30 27.32
N ASN B 56 -22.90 25.59 26.97
CA ASN B 56 -21.73 26.48 27.04
C ASN B 56 -20.52 25.89 26.31
N SER B 57 -20.80 25.09 25.27
CA SER B 57 -19.76 24.49 24.46
C SER B 57 -20.39 24.04 23.15
N CYS B 58 -19.68 24.24 22.05
CA CYS B 58 -20.19 23.92 20.71
C CYS B 58 -19.37 22.80 20.07
N LYS B 59 -18.91 21.85 20.87
CA LYS B 59 -18.18 20.70 20.36
C LYS B 59 -19.08 19.47 20.32
N LYS B 60 -18.66 18.49 19.50
CA LYS B 60 -19.49 17.32 19.25
C LYS B 60 -19.49 16.37 20.44
N SER B 61 -18.31 16.02 20.95
CA SER B 61 -18.22 15.07 22.06
C SER B 61 -18.71 15.65 23.39
N ASP B 62 -18.86 16.97 23.48
CA ASP B 62 -19.35 17.62 24.68
C ASP B 62 -20.86 17.81 24.68
N SER B 63 -21.56 17.24 23.69
CA SER B 63 -22.99 17.48 23.53
C SER B 63 -23.81 16.68 24.54
N PHE B 64 -24.93 17.28 24.95
CA PHE B 64 -25.87 16.65 25.88
C PHE B 64 -26.98 15.91 25.16
N LYS B 65 -27.37 16.36 23.97
CA LYS B 65 -28.37 15.68 23.16
C LYS B 65 -27.98 15.81 21.69
N VAL B 66 -28.40 14.82 20.89
CA VAL B 66 -28.13 14.80 19.45
C VAL B 66 -29.47 14.62 18.74
N LEU B 67 -29.82 15.57 17.87
CA LEU B 67 -31.10 15.56 17.20
C LEU B 67 -31.03 14.84 15.86
N LEU B 68 -32.02 13.98 15.63
CA LEU B 68 -32.15 13.23 14.37
C LEU B 68 -33.54 13.52 13.81
N SER B 69 -33.57 14.13 12.62
CA SER B 69 -34.82 14.55 11.99
C SER B 69 -34.98 13.89 10.62
N HIS B 70 -36.24 13.56 10.29
CA HIS B 70 -36.60 12.98 9.01
C HIS B 70 -37.74 13.78 8.40
N GLY B 71 -37.62 14.08 7.10
CA GLY B 71 -38.64 14.87 6.46
C GLY B 71 -38.74 14.61 4.98
N GLU B 72 -39.52 15.46 4.32
CA GLU B 72 -39.86 15.28 2.91
C GLU B 72 -39.77 16.63 2.18
N ILE B 73 -39.49 16.56 0.89
CA ILE B 73 -39.56 17.73 0.01
C ILE B 73 -40.96 17.81 -0.57
N VAL B 74 -41.62 18.95 -0.40
CA VAL B 74 -43.01 19.11 -0.79
C VAL B 74 -43.15 20.38 -1.63
N ASP B 75 -44.12 20.36 -2.54
CA ASP B 75 -44.52 21.54 -3.31
C ASP B 75 -45.80 22.09 -2.70
N ARG B 76 -45.74 23.33 -2.22
CA ARG B 76 -46.88 23.99 -1.59
C ARG B 76 -47.57 24.98 -2.52
N GLY B 77 -47.44 24.81 -3.84
CA GLY B 77 -47.87 25.83 -4.76
C GLY B 77 -47.04 27.09 -4.70
N ASP B 78 -45.87 27.00 -4.06
CA ASP B 78 -45.00 28.13 -3.77
C ASP B 78 -44.07 28.48 -4.93
N TYR B 79 -44.02 27.64 -5.97
CA TYR B 79 -43.04 27.72 -7.04
C TYR B 79 -41.61 27.54 -6.50
N ARG B 80 -41.47 26.84 -5.38
CA ARG B 80 -40.18 26.53 -4.78
C ARG B 80 -40.34 25.30 -3.89
N PRO B 81 -39.26 24.54 -3.66
CA PRO B 81 -39.37 23.39 -2.76
C PRO B 81 -39.46 23.82 -1.31
N SER B 82 -40.21 23.04 -0.54
CA SER B 82 -40.41 23.29 0.89
C SER B 82 -40.02 22.05 1.68
N LEU B 83 -39.45 22.28 2.86
CA LEU B 83 -39.11 21.20 3.78
C LEU B 83 -40.28 20.91 4.70
N TYR B 84 -40.68 19.64 4.78
CA TYR B 84 -41.78 19.20 5.64
C TYR B 84 -41.23 18.18 6.63
N LEU B 85 -41.07 18.60 7.88
CA LEU B 85 -40.51 17.72 8.91
C LEU B 85 -41.53 16.66 9.31
N LEU B 86 -41.14 15.40 9.22
CA LEU B 86 -42.03 14.28 9.53
C LEU B 86 -41.78 13.69 10.91
N SER B 87 -40.53 13.32 11.20
CA SER B 87 -40.18 12.68 12.47
C SER B 87 -38.94 13.33 13.04
N SER B 88 -38.86 13.36 14.37
CA SER B 88 -37.75 13.98 15.07
C SER B 88 -37.51 13.21 16.36
N HIS B 89 -36.29 12.69 16.53
CA HIS B 89 -35.93 11.88 17.68
C HIS B 89 -34.53 12.23 18.16
N TYR B 90 -34.26 11.90 19.42
CA TYR B 90 -32.94 12.09 20.02
C TYR B 90 -32.18 10.76 20.02
N HIS B 91 -30.87 10.84 19.89
CA HIS B 91 -30.06 9.64 19.83
C HIS B 91 -29.98 9.02 21.22
N PRO B 92 -30.21 7.71 21.35
CA PRO B 92 -30.26 7.10 22.70
C PRO B 92 -28.92 7.10 23.42
N TYR B 93 -27.81 7.36 22.75
CA TYR B 93 -26.49 7.38 23.35
C TYR B 93 -25.82 8.73 23.15
N SER B 94 -26.61 9.80 23.24
CA SER B 94 -26.14 11.13 22.85
C SER B 94 -24.91 11.56 23.64
N MET B 95 -24.93 11.36 24.96
CA MET B 95 -23.81 11.80 25.79
C MET B 95 -22.52 11.06 25.49
N GLN B 96 -22.57 9.96 24.75
CA GLN B 96 -21.40 9.18 24.39
C GLN B 96 -21.07 9.27 22.90
N VAL B 97 -21.75 10.15 22.17
CA VAL B 97 -21.55 10.26 20.72
C VAL B 97 -20.27 11.03 20.44
N ILE B 98 -19.44 10.47 19.57
CA ILE B 98 -18.25 11.16 19.09
C ILE B 98 -18.48 11.78 17.71
N ASN B 99 -19.15 11.07 16.82
CA ASN B 99 -19.38 11.54 15.46
C ASN B 99 -20.53 10.76 14.85
N CYS B 100 -21.28 11.43 13.97
CA CYS B 100 -22.38 10.79 13.27
C CYS B 100 -22.38 11.24 11.81
N VAL B 101 -22.94 10.40 10.94
CA VAL B 101 -23.03 10.70 9.51
C VAL B 101 -24.41 10.30 9.01
N PRO B 102 -25.13 11.18 8.33
CA PRO B 102 -26.47 10.83 7.84
C PRO B 102 -26.46 10.26 6.43
N VAL B 103 -27.41 9.35 6.20
CA VAL B 103 -27.68 8.79 4.88
C VAL B 103 -29.19 8.70 4.71
N THR B 104 -29.70 9.24 3.61
CA THR B 104 -31.11 9.12 3.26
C THR B 104 -31.22 8.04 2.18
N CYS B 105 -32.04 7.02 2.45
CA CYS B 105 -32.12 5.86 1.57
C CYS B 105 -33.54 5.32 1.60
N ASN B 106 -34.14 5.14 0.43
CA ASN B 106 -35.46 4.53 0.27
C ASN B 106 -36.49 5.19 1.18
N GLN B 107 -36.52 6.54 1.12
CA GLN B 107 -37.55 7.31 1.81
C GLN B 107 -37.46 7.13 3.32
N SER B 108 -36.27 6.75 3.81
CA SER B 108 -36.05 6.54 5.23
C SER B 108 -34.72 7.18 5.61
N SER B 109 -34.59 7.48 6.90
CA SER B 109 -33.40 8.12 7.45
C SER B 109 -32.51 7.08 8.12
N PHE B 110 -31.22 7.15 7.83
CA PHE B 110 -30.21 6.28 8.43
C PHE B 110 -29.11 7.13 9.03
N VAL B 111 -28.67 6.77 10.23
CA VAL B 111 -27.66 7.54 10.96
C VAL B 111 -26.60 6.57 11.48
N PHE B 112 -25.34 6.83 11.13
CA PHE B 112 -24.21 5.99 11.50
C PHE B 112 -23.34 6.77 12.49
N CYS B 113 -23.28 6.31 13.73
CA CYS B 113 -22.60 7.04 14.79
C CYS B 113 -21.49 6.20 15.42
N HIS B 114 -20.52 6.90 16.01
CA HIS B 114 -19.44 6.29 16.77
C HIS B 114 -19.61 6.69 18.23
N ILE B 115 -19.77 5.70 19.10
CA ILE B 115 -20.05 5.90 20.52
C ILE B 115 -18.84 5.45 21.32
N SER B 116 -18.41 6.26 22.28
CA SER B 116 -17.25 5.94 23.10
C SER B 116 -17.39 6.57 24.46
N ASN B 117 -16.83 5.89 25.47
CA ASN B 117 -16.75 6.46 26.81
C ASN B 117 -15.55 7.36 27.01
N ASN B 118 -14.65 7.44 26.02
CA ASN B 118 -13.45 8.27 26.10
C ASN B 118 -13.53 9.32 25.01
N THR B 119 -13.62 10.59 25.41
CA THR B 119 -13.66 11.68 24.43
C THR B 119 -12.35 11.80 23.67
N LYS B 120 -11.25 11.29 24.22
CA LYS B 120 -9.96 11.25 23.53
C LYS B 120 -9.68 9.88 22.94
N THR B 121 -10.72 9.15 22.53
CA THR B 121 -10.54 7.78 22.06
C THR B 121 -9.67 7.70 20.82
N LEU B 122 -9.69 8.74 19.99
CA LEU B 122 -8.91 8.75 18.74
C LEU B 122 -7.43 8.97 18.96
N ASP B 123 -6.98 9.21 20.20
CA ASP B 123 -5.58 9.48 20.48
C ASP B 123 -4.91 8.38 21.29
N ASN B 124 -5.62 7.77 22.24
CA ASN B 124 -5.02 6.79 23.13
C ASN B 124 -5.77 5.46 23.17
N SER B 125 -6.81 5.28 22.35
CA SER B 125 -7.55 4.03 22.36
C SER B 125 -7.61 3.40 20.98
N ASP B 126 -8.49 2.41 20.80
CA ASP B 126 -8.65 1.73 19.53
C ASP B 126 -10.12 1.35 19.37
N TYR B 127 -10.49 0.91 18.16
CA TYR B 127 -11.90 0.66 17.88
C TYR B 127 -12.43 -0.60 18.55
N SER B 128 -11.56 -1.42 19.13
CA SER B 128 -12.04 -2.62 19.83
C SER B 128 -12.69 -2.29 21.16
N SER B 129 -12.45 -1.09 21.69
CA SER B 129 -13.01 -0.67 22.97
C SER B 129 -14.25 0.22 22.80
N ASP B 130 -14.64 0.52 21.57
CA ASP B 130 -15.78 1.38 21.30
C ASP B 130 -16.83 0.60 20.51
N GLU B 131 -18.00 1.24 20.36
CA GLU B 131 -19.15 0.63 19.70
C GLU B 131 -19.65 1.55 18.61
N TYR B 132 -20.26 0.95 17.59
CA TYR B 132 -20.78 1.66 16.43
C TYR B 132 -22.19 1.18 16.15
N TYR B 133 -23.09 2.12 15.84
CA TYR B 133 -24.50 1.84 15.72
C TYR B 133 -25.08 2.44 14.44
N ILE B 134 -26.17 1.83 13.97
CA ILE B 134 -26.99 2.37 12.90
C ILE B 134 -28.37 2.66 13.49
N THR B 135 -28.78 3.91 13.45
CA THR B 135 -30.11 4.31 13.89
C THR B 135 -30.93 4.70 12.67
N TYR B 136 -32.08 4.06 12.49
CA TYR B 136 -32.89 4.29 11.30
C TYR B 136 -34.36 4.42 11.68
N PHE B 137 -35.07 5.23 10.91
CA PHE B 137 -36.48 5.53 11.14
C PHE B 137 -37.01 6.29 9.94
N ASN B 138 -38.33 6.50 9.93
CA ASN B 138 -38.96 7.33 8.92
C ASN B 138 -40.15 8.07 9.50
N GLY B 139 -41.13 8.41 8.65
CA GLY B 139 -42.24 9.22 9.11
C GLY B 139 -43.20 8.49 10.02
N ILE B 140 -43.30 7.18 9.88
CA ILE B 140 -44.25 6.38 10.65
C ILE B 140 -43.56 5.49 11.67
N ASP B 141 -42.44 4.87 11.30
CA ASP B 141 -41.81 3.89 12.18
C ASP B 141 -41.07 4.56 13.33
N ARG B 142 -41.03 3.87 14.47
CA ARG B 142 -40.24 4.36 15.60
C ARG B 142 -38.76 4.10 15.34
N PRO B 143 -37.87 4.91 15.92
CA PRO B 143 -36.44 4.74 15.67
C PRO B 143 -35.91 3.44 16.26
N LYS B 144 -35.15 2.71 15.45
CA LYS B 144 -34.47 1.49 15.87
C LYS B 144 -32.97 1.69 15.78
N THR B 145 -32.24 1.18 16.76
CA THR B 145 -30.79 1.30 16.83
C THR B 145 -30.20 -0.11 16.88
N LYS B 146 -29.31 -0.40 15.93
CA LYS B 146 -28.69 -1.72 15.81
C LYS B 146 -27.18 -1.59 15.91
N LYS B 147 -26.56 -2.50 16.65
CA LYS B 147 -25.12 -2.46 16.84
C LYS B 147 -24.41 -3.05 15.63
N ILE B 148 -23.34 -2.39 15.20
CA ILE B 148 -22.59 -2.78 14.01
C ILE B 148 -21.55 -3.82 14.43
N PRO B 149 -21.59 -5.04 13.88
CA PRO B 149 -20.62 -6.09 14.28
C PRO B 149 -19.23 -5.88 13.68
N ILE B 150 -18.45 -5.04 14.35
CA ILE B 150 -17.09 -4.73 13.88
C ILE B 150 -16.19 -5.96 13.96
N ASN B 151 -16.54 -6.95 14.78
CA ASN B 151 -15.71 -8.15 14.90
C ASN B 151 -15.62 -8.91 13.59
N ASN B 152 -16.74 -8.99 12.86
CA ASN B 152 -16.81 -9.71 11.60
C ASN B 152 -16.51 -8.83 10.39
N MET B 153 -15.79 -7.73 10.59
CA MET B 153 -15.46 -6.83 9.49
C MET B 153 -14.07 -7.14 8.95
N THR B 154 -13.86 -6.80 7.67
CA THR B 154 -12.59 -6.98 7.00
C THR B 154 -12.06 -5.63 6.54
N ALA B 155 -10.76 -5.41 6.75
CA ALA B 155 -10.13 -4.14 6.41
C ALA B 155 -9.02 -4.38 5.39
N ASP B 156 -8.85 -3.42 4.47
CA ASP B 156 -7.80 -3.51 3.47
C ASP B 156 -6.43 -3.15 4.03
N ASN B 157 -6.36 -2.66 5.27
CA ASN B 157 -5.10 -2.34 5.92
C ASN B 157 -5.29 -2.53 7.42
N ARG B 158 -4.17 -2.48 8.14
CA ARG B 158 -4.17 -2.73 9.59
C ARG B 158 -4.38 -1.41 10.33
N TYR B 159 -5.64 -1.01 10.43
CA TYR B 159 -6.03 0.19 11.15
C TYR B 159 -6.32 -0.15 12.60
N ILE B 160 -6.11 0.83 13.48
CA ILE B 160 -6.39 0.65 14.90
C ILE B 160 -7.64 1.39 15.35
N HIS B 161 -8.11 2.38 14.60
CA HIS B 161 -9.28 3.14 15.02
C HIS B 161 -9.89 3.82 13.80
N PHE B 162 -11.16 4.23 13.95
CA PHE B 162 -11.88 4.90 12.89
C PHE B 162 -13.15 5.51 13.47
N THR B 163 -13.58 6.63 12.88
CA THR B 163 -14.85 7.27 13.22
C THR B 163 -15.55 7.68 11.95
N PHE B 164 -16.87 7.52 11.93
CA PHE B 164 -17.68 8.08 10.85
C PHE B 164 -17.56 9.60 10.87
N SER B 165 -16.85 10.18 9.91
CA SER B 165 -16.63 11.61 9.86
C SER B 165 -17.02 12.12 8.48
N GLY B 166 -18.01 13.00 8.43
CA GLY B 166 -18.41 13.58 7.17
C GLY B 166 -19.78 14.24 7.28
N GLY B 167 -20.18 14.84 6.17
CA GLY B 167 -21.46 15.52 6.05
C GLY B 167 -22.56 14.72 5.42
N GLY B 168 -22.27 13.51 4.94
CA GLY B 168 -23.29 12.67 4.33
C GLY B 168 -22.73 11.39 3.74
N GLY B 169 -23.57 10.38 3.62
CA GLY B 169 -23.17 9.14 2.98
C GLY B 169 -24.07 8.78 1.83
N VAL B 170 -24.00 7.52 1.40
CA VAL B 170 -24.66 7.08 0.18
C VAL B 170 -25.01 5.61 0.32
N CYS B 171 -26.18 5.22 -0.18
CA CYS B 171 -26.56 3.83 -0.32
C CYS B 171 -26.64 3.49 -1.81
N LEU B 172 -26.02 2.37 -2.19
CA LEU B 172 -26.00 1.89 -3.57
C LEU B 172 -26.51 0.46 -3.59
N GLY B 173 -27.74 0.28 -4.03
CA GLY B 173 -28.36 -1.04 -3.99
C GLY B 173 -28.62 -1.46 -2.56
N GLU B 174 -27.97 -2.53 -2.12
CA GLU B 174 -28.17 -3.05 -0.78
C GLU B 174 -27.03 -2.71 0.17
N GLU B 175 -26.02 -1.99 -0.29
CA GLU B 175 -24.84 -1.68 0.52
C GLU B 175 -24.75 -0.18 0.79
N PHE B 176 -24.51 0.18 2.04
CA PHE B 176 -24.25 1.56 2.43
C PHE B 176 -22.77 1.87 2.29
N ILE B 177 -22.46 3.09 1.87
CA ILE B 177 -21.09 3.59 1.78
C ILE B 177 -21.03 4.87 2.59
N ILE B 178 -20.30 4.84 3.71
CA ILE B 178 -20.23 5.96 4.64
C ILE B 178 -18.80 6.47 4.67
N PRO B 179 -18.57 7.77 4.56
CA PRO B 179 -17.21 8.29 4.72
C PRO B 179 -16.70 8.08 6.13
N VAL B 180 -15.39 7.83 6.23
CA VAL B 180 -14.79 7.48 7.50
C VAL B 180 -13.34 7.94 7.50
N THR B 181 -12.84 8.26 8.69
CA THR B 181 -11.45 8.64 8.90
C THR B 181 -10.80 7.60 9.81
N THR B 182 -9.73 6.98 9.33
CA THR B 182 -9.10 5.87 10.03
C THR B 182 -7.81 6.33 10.72
N VAL B 183 -7.36 5.51 11.67
CA VAL B 183 -6.14 5.76 12.43
C VAL B 183 -5.21 4.56 12.28
N ILE B 184 -3.94 4.84 12.00
CA ILE B 184 -2.91 3.80 11.91
C ILE B 184 -1.62 4.38 12.47
N ASN B 185 -0.80 3.50 13.06
CA ASN B 185 0.37 3.93 13.82
C ASN B 185 1.69 3.66 13.09
N THR B 186 1.65 3.28 11.81
CA THR B 186 2.86 3.06 11.04
C THR B 186 2.71 3.72 9.67
N ASP B 187 3.78 4.34 9.20
CA ASP B 187 3.78 5.11 7.95
C ASP B 187 3.89 4.15 6.78
N VAL B 188 2.75 3.83 6.16
CA VAL B 188 2.69 2.91 5.04
C VAL B 188 2.38 3.64 3.73
N PHE B 189 2.43 4.97 3.73
CA PHE B 189 1.94 5.77 2.63
C PHE B 189 3.06 6.30 1.74
N THR B 190 2.67 6.71 0.55
CA THR B 190 3.54 7.38 -0.42
C THR B 190 2.93 8.71 -0.81
N HIS B 191 3.75 9.60 -1.36
CA HIS B 191 3.32 10.96 -1.68
C HIS B 191 3.92 11.42 -3.01
N ASP B 192 3.55 10.74 -4.11
CA ASP B 192 4.03 11.14 -5.42
C ASP B 192 3.51 12.51 -5.82
N TYR B 193 2.33 12.89 -5.32
CA TYR B 193 1.74 14.17 -5.71
C TYR B 193 2.45 15.33 -5.02
N CYS B 194 2.62 15.26 -3.70
CA CYS B 194 3.23 16.36 -2.97
C CYS B 194 4.69 16.56 -3.37
N GLU B 195 5.43 15.46 -3.55
CA GLU B 195 6.86 15.53 -3.80
C GLU B 195 7.21 16.24 -5.12
N SER B 196 6.24 16.50 -5.97
CA SER B 196 6.46 17.23 -7.21
C SER B 196 6.37 18.75 -7.06
N PHE B 197 6.20 19.25 -5.84
CA PHE B 197 6.02 20.69 -5.66
C PHE B 197 7.35 21.40 -5.58
N ASN B 198 7.44 22.54 -6.27
CA ASN B 198 8.68 23.34 -6.28
C ASN B 198 8.53 24.57 -5.38
N CYS B 199 8.32 24.30 -4.11
CA CYS B 199 8.12 25.35 -3.11
C CYS B 199 9.43 25.67 -2.40
N SER B 200 9.37 26.66 -1.51
CA SER B 200 10.52 27.01 -0.70
C SER B 200 10.83 25.89 0.28
N VAL B 201 12.09 25.48 0.32
CA VAL B 201 12.50 24.37 1.17
C VAL B 201 12.65 24.86 2.61
N GLN B 202 12.06 24.11 3.55
CA GLN B 202 12.23 24.43 4.96
C GLN B 202 13.64 24.09 5.41
N THR B 203 14.13 24.86 6.38
CA THR B 203 15.46 24.61 6.92
C THR B 203 15.50 23.37 7.80
N GLY B 204 14.34 22.89 8.25
CA GLY B 204 14.30 21.76 9.17
C GLY B 204 14.32 20.40 8.51
N LYS B 205 13.34 20.14 7.65
CA LYS B 205 13.17 18.82 7.05
C LYS B 205 12.99 18.95 5.54
N SER B 206 13.21 17.84 4.85
CA SER B 206 13.11 17.80 3.39
C SER B 206 11.66 17.69 2.95
N LEU B 207 11.46 17.76 1.63
CA LEU B 207 10.10 17.71 1.10
C LEU B 207 9.47 16.34 1.30
N LYS B 208 10.27 15.27 1.17
CA LYS B 208 9.75 13.94 1.42
C LYS B 208 9.37 13.74 2.88
N GLU B 209 10.09 14.40 3.80
CA GLU B 209 9.76 14.29 5.22
C GLU B 209 8.54 15.13 5.59
N ILE B 210 8.39 16.29 4.97
CA ILE B 210 7.27 17.18 5.32
C ILE B 210 5.94 16.54 4.98
N CYS B 211 5.86 15.83 3.86
CA CYS B 211 4.58 15.25 3.46
C CYS B 211 4.23 14.04 4.32
N SER B 212 5.21 13.21 4.64
CA SER B 212 4.95 12.06 5.51
C SER B 212 4.45 12.52 6.88
N GLU B 213 5.11 13.50 7.47
CA GLU B 213 4.71 13.98 8.79
C GLU B 213 3.44 14.82 8.76
N SER B 214 3.04 15.30 7.59
CA SER B 214 1.78 16.04 7.49
C SER B 214 0.56 15.14 7.60
N LEU B 215 0.74 13.83 7.39
CA LEU B 215 -0.34 12.87 7.56
C LEU B 215 -0.56 12.50 9.02
N ARG B 216 0.40 12.81 9.89
CA ARG B 216 0.27 12.43 11.29
C ARG B 216 -0.76 13.30 12.00
N SER B 217 -1.29 12.77 13.09
CA SER B 217 -2.24 13.52 13.90
C SER B 217 -1.51 14.64 14.65
N PRO B 218 -2.13 15.82 14.77
CA PRO B 218 -1.49 16.88 15.56
C PRO B 218 -1.52 16.63 17.05
N THR B 219 -2.36 15.72 17.53
CA THR B 219 -2.44 15.42 18.95
C THR B 219 -1.50 14.29 19.35
N ASN B 220 -1.51 13.19 18.59
CA ASN B 220 -0.61 12.05 18.81
C ASN B 220 0.25 11.90 17.57
N SER B 221 1.53 12.26 17.68
CA SER B 221 2.44 12.19 16.54
C SER B 221 2.73 10.76 16.10
N SER B 222 2.40 9.77 16.93
CA SER B 222 2.64 8.38 16.61
C SER B 222 1.52 7.75 15.80
N ARG B 223 0.43 8.48 15.57
CA ARG B 223 -0.72 7.97 14.83
C ARG B 223 -0.91 8.78 13.55
N TYR B 224 -1.42 8.11 12.52
CA TYR B 224 -1.70 8.71 11.23
C TYR B 224 -3.21 8.69 10.98
N ASN B 225 -3.75 9.82 10.55
CA ASN B 225 -5.18 9.95 10.26
C ASN B 225 -5.38 9.88 8.76
N LEU B 226 -5.97 8.77 8.30
CA LEU B 226 -6.12 8.47 6.88
C LEU B 226 -7.60 8.33 6.56
N ASN B 227 -8.07 9.09 5.58
CA ASN B 227 -9.47 9.02 5.19
C ASN B 227 -9.78 7.72 4.47
N GLY B 228 -11.05 7.34 4.47
CA GLY B 228 -11.47 6.14 3.79
C GLY B 228 -12.97 6.04 3.73
N ILE B 229 -13.45 4.84 3.38
CA ILE B 229 -14.87 4.56 3.34
C ILE B 229 -15.13 3.23 4.03
N MET B 230 -16.39 3.03 4.41
CA MET B 230 -16.86 1.78 4.97
C MET B 230 -18.06 1.30 4.17
N ILE B 231 -18.00 0.07 3.68
CA ILE B 231 -19.09 -0.54 2.92
C ILE B 231 -19.83 -1.49 3.84
N ILE B 232 -21.12 -1.27 4.02
CA ILE B 232 -21.95 -2.05 4.93
C ILE B 232 -23.07 -2.69 4.11
N SER B 233 -22.96 -3.99 3.89
CA SER B 233 -24.02 -4.74 3.24
C SER B 233 -24.90 -5.39 4.31
N GLN B 234 -26.18 -5.52 3.99
CA GLN B 234 -27.13 -6.06 4.96
C GLN B 234 -28.36 -6.58 4.24
N ASN B 235 -29.14 -7.38 4.96
CA ASN B 235 -30.40 -7.94 4.47
C ASN B 235 -31.45 -7.66 5.55
N ASN B 236 -32.04 -6.47 5.49
CA ASN B 236 -32.96 -6.01 6.53
C ASN B 236 -32.28 -6.03 7.90
N MET B 237 -31.12 -5.38 7.98
CA MET B 237 -30.38 -5.18 9.22
C MET B 237 -30.05 -6.51 9.90
N THR B 238 -29.74 -7.52 9.09
CA THR B 238 -29.29 -8.81 9.58
C THR B 238 -28.10 -9.28 8.76
N ASP B 239 -27.36 -10.22 9.32
CA ASP B 239 -26.12 -10.77 8.75
C ASP B 239 -25.33 -9.70 8.00
N PHE B 240 -24.73 -8.78 8.74
CA PHE B 240 -24.00 -7.67 8.14
C PHE B 240 -22.73 -8.16 7.45
N LYS B 241 -22.35 -7.43 6.41
CA LYS B 241 -21.10 -7.66 5.67
C LYS B 241 -20.39 -6.31 5.61
N ILE B 242 -19.43 -6.12 6.51
CA ILE B 242 -18.78 -4.83 6.72
C ILE B 242 -17.39 -4.87 6.13
N GLN B 243 -17.03 -3.85 5.37
CA GLN B 243 -15.73 -3.75 4.72
C GLN B 243 -15.19 -2.33 4.92
N LEU B 244 -13.91 -2.25 5.27
CA LEU B 244 -13.25 -0.96 5.52
C LEU B 244 -12.10 -0.84 4.52
N ASN B 245 -12.20 0.12 3.61
CA ASN B 245 -11.19 0.37 2.60
C ASN B 245 -10.67 1.80 2.73
N GLY B 246 -9.38 1.96 2.46
CA GLY B 246 -8.76 3.26 2.57
C GLY B 246 -8.83 4.08 1.29
N ILE B 247 -8.57 5.38 1.43
CA ILE B 247 -8.60 6.29 0.29
C ILE B 247 -7.43 5.98 -0.65
N THR B 248 -7.57 6.43 -1.89
CA THR B 248 -6.48 6.31 -2.86
C THR B 248 -5.23 6.99 -2.35
N TYR B 249 -4.08 6.35 -2.58
CA TYR B 249 -2.81 6.99 -2.27
C TYR B 249 -2.49 8.14 -3.22
N ASN B 250 -3.20 8.23 -4.35
CA ASN B 250 -3.03 9.36 -5.26
C ASN B 250 -3.56 10.62 -4.59
N LYS B 251 -2.67 11.61 -4.41
CA LYS B 251 -3.01 12.90 -3.83
C LYS B 251 -3.63 12.74 -2.44
N LEU B 252 -2.79 12.34 -1.49
CA LEU B 252 -3.25 12.14 -0.12
C LEU B 252 -3.37 13.47 0.61
N SER B 253 -4.38 13.56 1.48
CA SER B 253 -4.57 14.72 2.34
C SER B 253 -4.94 14.24 3.74
N PHE B 254 -4.61 15.07 4.72
CA PHE B 254 -4.82 14.72 6.12
C PHE B 254 -6.27 14.35 6.39
N GLY B 255 -6.47 13.43 7.33
CA GLY B 255 -7.80 12.96 7.71
C GLY B 255 -8.72 14.09 8.07
N SER B 256 -9.91 14.11 7.49
CA SER B 256 -10.84 15.23 7.65
C SER B 256 -12.23 14.75 7.27
N PRO B 257 -13.28 15.45 7.70
CA PRO B 257 -14.64 15.05 7.31
C PRO B 257 -14.84 15.19 5.81
N GLY B 258 -15.50 14.19 5.24
CA GLY B 258 -15.78 14.18 3.81
C GLY B 258 -17.25 14.09 3.51
N ARG B 259 -17.59 13.52 2.35
CA ARG B 259 -18.98 13.37 1.96
C ARG B 259 -19.07 12.49 0.73
N LEU B 260 -20.14 11.70 0.64
CA LEU B 260 -20.49 10.95 -0.55
C LEU B 260 -21.90 11.34 -0.96
N SER B 261 -22.08 11.63 -2.25
CA SER B 261 -23.37 12.08 -2.75
C SER B 261 -23.64 11.45 -4.10
N LYS B 262 -24.91 11.18 -4.36
CA LYS B 262 -25.38 10.63 -5.64
C LYS B 262 -25.94 11.78 -6.46
N THR B 263 -25.24 12.16 -7.51
CA THR B 263 -25.63 13.31 -8.33
C THR B 263 -25.34 13.03 -9.79
N LEU B 264 -26.36 13.21 -10.63
CA LEU B 264 -26.22 13.13 -12.09
C LEU B 264 -25.65 11.79 -12.54
N GLY B 265 -26.15 10.71 -11.97
CA GLY B 265 -25.73 9.38 -12.34
C GLY B 265 -24.32 9.01 -11.93
N GLN B 266 -23.61 9.88 -11.22
CA GLN B 266 -22.27 9.63 -10.74
C GLN B 266 -22.24 9.74 -9.22
N VAL B 267 -21.12 9.34 -8.63
CA VAL B 267 -20.90 9.43 -7.19
C VAL B 267 -19.77 10.42 -6.95
N LEU B 268 -20.08 11.51 -6.26
CA LEU B 268 -19.12 12.56 -5.98
C LEU B 268 -18.60 12.41 -4.56
N TYR B 269 -17.27 12.47 -4.40
CA TYR B 269 -16.63 12.46 -3.10
C TYR B 269 -16.02 13.83 -2.83
N TYR B 270 -16.25 14.34 -1.62
CA TYR B 270 -15.66 15.59 -1.17
C TYR B 270 -14.83 15.33 0.07
N GLN B 271 -13.75 16.10 0.22
CA GLN B 271 -12.92 16.04 1.41
C GLN B 271 -12.53 17.46 1.80
N SER B 272 -12.80 17.83 3.05
CA SER B 272 -12.43 19.14 3.53
C SER B 272 -10.91 19.27 3.60
N SER B 273 -10.40 20.44 3.23
CA SER B 273 -8.97 20.67 3.13
C SER B 273 -8.47 21.21 4.45
N MET B 274 -7.92 20.33 5.29
CA MET B 274 -7.39 20.71 6.59
C MET B 274 -5.87 20.71 6.64
N SER B 275 -5.19 20.31 5.57
CA SER B 275 -3.75 20.19 5.51
C SER B 275 -3.19 21.35 4.67
N TRP B 276 -2.05 21.11 4.01
CA TRP B 276 -1.36 22.18 3.31
C TRP B 276 -2.06 22.57 2.01
N ASP B 277 -2.67 21.61 1.33
CA ASP B 277 -3.38 21.88 0.09
C ASP B 277 -4.75 22.47 0.45
N THR B 278 -4.86 23.79 0.40
CA THR B 278 -6.05 24.49 0.85
C THR B 278 -7.10 24.67 -0.23
N TYR B 279 -6.87 24.14 -1.44
CA TYR B 279 -7.85 24.24 -2.50
C TYR B 279 -8.84 23.09 -2.43
N LEU B 280 -9.91 23.20 -3.22
CA LEU B 280 -11.00 22.24 -3.18
C LEU B 280 -10.51 20.84 -3.52
N LYS B 281 -10.85 19.87 -2.66
CA LYS B 281 -10.53 18.47 -2.90
C LYS B 281 -11.84 17.72 -3.11
N ALA B 282 -12.07 17.28 -4.34
CA ALA B 282 -13.31 16.61 -4.71
C ALA B 282 -13.08 15.87 -6.02
N GLY B 283 -14.00 14.96 -6.33
CA GLY B 283 -13.94 14.22 -7.57
C GLY B 283 -14.94 13.10 -7.64
N PHE B 284 -15.19 12.58 -8.85
CA PHE B 284 -16.12 11.48 -9.03
C PHE B 284 -15.38 10.14 -8.94
N VAL B 285 -16.13 9.11 -8.53
CA VAL B 285 -15.55 7.81 -8.20
C VAL B 285 -15.39 6.98 -9.47
N GLU B 286 -14.14 6.65 -9.82
CA GLU B 286 -13.89 5.75 -10.95
C GLU B 286 -14.04 4.29 -10.52
N LYS B 287 -13.10 3.80 -9.72
CA LYS B 287 -13.10 2.44 -9.21
C LYS B 287 -13.39 2.46 -7.71
N TRP B 288 -14.02 1.39 -7.23
CA TRP B 288 -14.42 1.33 -5.82
C TRP B 288 -13.39 0.64 -4.93
N LYS B 289 -12.65 -0.33 -5.46
CA LYS B 289 -11.59 -0.97 -4.70
C LYS B 289 -10.31 -0.95 -5.53
N PRO B 290 -9.35 -0.06 -5.22
CA PRO B 290 -9.45 0.89 -4.11
C PRO B 290 -10.36 2.07 -4.42
N PHE B 291 -10.84 2.75 -3.38
CA PHE B 291 -11.73 3.89 -3.53
C PHE B 291 -11.00 5.02 -4.26
N THR B 292 -11.25 5.15 -5.57
CA THR B 292 -10.49 6.08 -6.41
C THR B 292 -11.38 7.19 -6.95
N PRO B 293 -11.45 8.34 -6.28
CA PRO B 293 -12.14 9.49 -6.87
C PRO B 293 -11.23 10.29 -7.79
N ASN B 294 -11.71 10.57 -9.01
CA ASN B 294 -10.94 11.32 -9.99
C ASN B 294 -10.78 12.77 -9.54
N TRP B 295 -9.71 13.05 -8.80
CA TRP B 295 -9.56 14.35 -8.15
C TRP B 295 -9.60 15.49 -9.16
N MET B 296 -10.27 16.57 -8.78
CA MET B 296 -10.35 17.75 -9.61
C MET B 296 -9.09 18.60 -9.46
N ASN B 297 -8.87 19.48 -10.43
CA ASN B 297 -7.75 20.39 -10.37
C ASN B 297 -8.24 21.82 -10.26
N ASN B 298 -8.91 22.13 -9.15
CA ASN B 298 -9.53 23.43 -8.95
C ASN B 298 -8.50 24.45 -8.50
N THR B 299 -8.53 25.64 -9.10
CA THR B 299 -7.57 26.68 -8.79
C THR B 299 -8.21 27.95 -8.24
N VAL B 300 -9.51 27.90 -7.88
CA VAL B 300 -10.20 29.12 -7.47
C VAL B 300 -10.91 28.95 -6.14
N ILE B 301 -11.31 27.72 -5.80
CA ILE B 301 -12.11 27.45 -4.62
C ILE B 301 -11.21 27.02 -3.47
N SER B 302 -11.32 27.72 -2.34
CA SER B 302 -10.51 27.39 -1.17
C SER B 302 -11.35 27.51 0.10
N ARG B 303 -10.71 27.85 1.21
CA ARG B 303 -11.38 27.97 2.50
C ARG B 303 -10.49 28.77 3.44
N PRO B 304 -11.06 29.42 4.45
CA PRO B 304 -10.24 30.18 5.39
C PRO B 304 -9.74 29.33 6.56
N ASN B 305 -8.61 29.77 7.11
CA ASN B 305 -8.03 29.17 8.30
C ASN B 305 -6.89 30.04 8.79
N GLN B 306 -6.71 30.09 10.10
CA GLN B 306 -5.58 30.77 10.70
C GLN B 306 -4.34 29.87 10.64
N GLY B 307 -3.19 30.49 10.88
CA GLY B 307 -1.93 29.76 10.86
C GLY B 307 -1.17 29.93 9.57
N ASN B 308 -0.32 28.95 9.29
CA ASN B 308 0.58 29.00 8.14
C ASN B 308 -0.09 28.62 6.84
N CYS B 309 -1.32 28.12 6.87
CA CYS B 309 -2.04 27.68 5.67
C CYS B 309 -3.33 28.46 5.55
N PRO B 310 -3.28 29.72 5.10
CA PRO B 310 -4.51 30.49 4.92
C PRO B 310 -5.18 30.19 3.58
N ARG B 311 -6.07 31.07 3.14
CA ARG B 311 -6.75 30.85 1.87
C ARG B 311 -5.77 30.99 0.71
N TYR B 312 -5.98 30.18 -0.33
CA TYR B 312 -5.18 30.19 -1.56
C TYR B 312 -3.73 29.78 -1.31
N HIS B 313 -3.46 29.06 -0.23
CA HIS B 313 -2.12 28.57 0.05
C HIS B 313 -1.96 27.16 -0.51
N LYS B 314 -0.82 26.90 -1.16
CA LYS B 314 -0.60 25.61 -1.80
C LYS B 314 0.90 25.31 -1.83
N CYS B 315 1.48 25.06 -0.65
CA CYS B 315 2.85 24.60 -0.52
C CYS B 315 2.90 23.60 0.62
N PRO B 316 3.58 22.47 0.45
CA PRO B 316 3.58 21.44 1.50
C PRO B 316 4.17 21.97 2.80
N GLU B 317 3.38 21.86 3.87
CA GLU B 317 3.80 22.35 5.17
C GLU B 317 2.95 21.66 6.23
N ILE B 318 3.57 21.36 7.38
CA ILE B 318 2.87 20.72 8.49
C ILE B 318 1.97 21.75 9.17
N CYS B 319 0.76 21.90 8.64
CA CYS B 319 -0.23 22.81 9.18
C CYS B 319 -1.53 22.06 9.40
N TYR B 320 -2.39 22.61 10.27
CA TYR B 320 -3.65 21.98 10.59
C TYR B 320 -4.72 23.06 10.80
N GLY B 321 -5.91 22.80 10.28
CA GLY B 321 -7.03 23.70 10.42
C GLY B 321 -7.78 23.87 9.11
N GLY B 322 -9.01 24.34 9.21
CA GLY B 322 -9.83 24.56 8.04
C GLY B 322 -11.31 24.50 8.39
N THR B 323 -12.12 24.67 7.35
CA THR B 323 -13.58 24.59 7.49
C THR B 323 -14.15 23.63 6.45
N TYR B 324 -15.37 23.16 6.72
CA TYR B 324 -16.06 22.21 5.86
C TYR B 324 -17.03 22.97 4.96
N ASN B 325 -16.86 22.81 3.64
CA ASN B 325 -17.71 23.48 2.65
C ASN B 325 -17.88 22.50 1.48
N ASP B 326 -18.87 21.62 1.59
CA ASP B 326 -19.08 20.65 0.53
C ASP B 326 -19.64 21.36 -0.70
N ILE B 327 -19.67 20.62 -1.82
CA ILE B 327 -20.08 21.17 -3.10
C ILE B 327 -21.19 20.31 -3.68
N ALA B 328 -21.85 20.83 -4.71
CA ALA B 328 -22.90 20.14 -5.42
C ALA B 328 -22.72 20.39 -6.91
N PRO B 329 -22.69 19.35 -7.73
CA PRO B 329 -22.49 19.55 -9.17
C PRO B 329 -23.78 19.96 -9.87
N LEU B 330 -23.64 20.85 -10.84
CA LEU B 330 -24.78 21.37 -11.60
C LEU B 330 -24.80 20.92 -13.05
N ASP B 331 -23.63 20.73 -13.66
CA ASP B 331 -23.56 20.37 -15.07
C ASP B 331 -22.23 19.67 -15.32
N LEU B 332 -22.28 18.41 -15.75
CA LEU B 332 -21.05 17.66 -15.96
C LEU B 332 -20.31 18.16 -17.20
N GLY B 333 -21.05 18.49 -18.26
CA GLY B 333 -20.41 18.90 -19.50
C GLY B 333 -19.58 20.16 -19.36
N LYS B 334 -20.14 21.18 -18.71
CA LYS B 334 -19.43 22.44 -18.48
C LYS B 334 -18.75 22.50 -17.12
N ASP B 335 -18.68 21.38 -16.41
CA ASP B 335 -17.90 21.25 -15.18
C ASP B 335 -18.25 22.34 -14.16
N MET B 336 -19.53 22.39 -13.80
CA MET B 336 -20.06 23.44 -12.94
C MET B 336 -20.45 22.87 -11.59
N TYR B 337 -20.17 23.64 -10.54
CA TYR B 337 -20.50 23.26 -9.18
C TYR B 337 -20.96 24.50 -8.41
N VAL B 338 -21.76 24.27 -7.38
CA VAL B 338 -22.22 25.34 -6.50
C VAL B 338 -21.86 24.96 -5.08
N SER B 339 -21.55 25.96 -4.27
CA SER B 339 -21.11 25.75 -2.90
C SER B 339 -21.21 27.07 -2.15
N VAL B 340 -21.45 26.97 -0.85
CA VAL B 340 -21.46 28.12 0.04
C VAL B 340 -20.08 28.17 0.69
N ILE B 341 -19.22 29.05 0.18
CA ILE B 341 -17.86 29.20 0.68
C ILE B 341 -17.78 30.48 1.50
N LEU B 342 -16.67 30.63 2.22
CA LEU B 342 -16.45 31.76 3.10
C LEU B 342 -15.44 32.71 2.46
N ASP B 343 -15.89 33.95 2.21
CA ASP B 343 -15.04 34.96 1.58
C ASP B 343 -14.21 35.64 2.65
N SER B 344 -13.15 34.95 3.07
CA SER B 344 -12.21 35.46 4.06
C SER B 344 -10.92 34.68 3.95
N ASP B 345 -9.82 35.33 4.34
CA ASP B 345 -8.51 34.69 4.23
C ASP B 345 -8.23 33.76 5.40
N GLN B 346 -8.63 34.15 6.62
CA GLN B 346 -8.29 33.36 7.80
C GLN B 346 -9.44 33.21 8.80
N LEU B 347 -10.47 34.05 8.76
CA LEU B 347 -11.60 33.93 9.68
C LEU B 347 -12.75 33.20 9.01
N ALA B 348 -13.58 32.56 9.83
CA ALA B 348 -14.73 31.80 9.34
C ALA B 348 -15.95 32.73 9.35
N GLU B 349 -16.15 33.44 8.24
CA GLU B 349 -17.19 34.44 8.16
C GLU B 349 -17.53 34.68 6.69
N ASN B 350 -18.60 35.46 6.47
CA ASN B 350 -19.06 35.91 5.15
C ASN B 350 -19.35 34.74 4.22
N PRO B 351 -20.45 34.02 4.40
CA PRO B 351 -20.78 32.93 3.48
C PRO B 351 -21.33 33.47 2.16
N GLU B 352 -20.92 32.84 1.06
CA GLU B 352 -21.31 33.25 -0.28
C GLU B 352 -21.70 32.05 -1.11
N ILE B 353 -22.89 32.11 -1.73
CA ILE B 353 -23.30 31.11 -2.70
C ILE B 353 -22.49 31.33 -3.98
N THR B 354 -21.66 30.35 -4.32
CA THR B 354 -20.69 30.49 -5.40
C THR B 354 -20.89 29.38 -6.43
N VAL B 355 -21.10 29.77 -7.68
CA VAL B 355 -21.15 28.85 -8.82
C VAL B 355 -19.84 29.01 -9.60
N PHE B 356 -19.15 27.90 -9.86
CA PHE B 356 -17.79 28.00 -10.38
C PHE B 356 -17.49 26.87 -11.35
N ASN B 357 -16.47 27.12 -12.18
CA ASN B 357 -15.84 26.16 -13.07
C ASN B 357 -14.96 25.21 -12.28
N SER B 358 -13.81 24.88 -12.84
CA SER B 358 -12.65 24.44 -12.08
C SER B 358 -11.53 25.47 -12.09
N THR B 359 -11.57 26.44 -13.00
CA THR B 359 -10.55 27.47 -13.11
C THR B 359 -11.08 28.89 -12.93
N THR B 360 -12.39 29.10 -12.94
CA THR B 360 -12.97 30.43 -12.86
C THR B 360 -14.26 30.41 -12.08
N ILE B 361 -14.53 31.50 -11.37
CA ILE B 361 -15.80 31.71 -10.68
C ILE B 361 -16.77 32.37 -11.65
N LEU B 362 -17.98 31.82 -11.75
CA LEU B 362 -18.97 32.34 -12.69
C LEU B 362 -19.78 33.50 -12.09
N TYR B 363 -20.39 33.28 -10.93
CA TYR B 363 -21.14 34.32 -10.23
C TYR B 363 -21.32 33.90 -8.79
N LYS B 364 -21.64 34.88 -7.95
CA LYS B 364 -21.69 34.66 -6.51
C LYS B 364 -22.62 35.68 -5.87
N GLU B 365 -22.96 35.43 -4.60
CA GLU B 365 -23.74 36.36 -3.81
C GLU B 365 -23.56 36.03 -2.33
N ARG B 366 -23.36 37.08 -1.53
CA ARG B 366 -23.34 36.91 -0.08
C ARG B 366 -24.71 36.47 0.41
N VAL B 367 -24.72 35.59 1.41
CA VAL B 367 -25.98 35.11 1.97
C VAL B 367 -26.66 36.22 2.78
N SER B 368 -25.87 36.92 3.60
CA SER B 368 -26.38 38.02 4.42
C SER B 368 -25.63 39.30 4.06
N LYS B 369 -26.37 40.40 3.93
CA LYS B 369 -25.74 41.69 3.67
C LYS B 369 -24.92 42.17 4.85
N ASP B 370 -25.23 41.69 6.06
CA ASP B 370 -24.40 41.94 7.23
C ASP B 370 -23.38 40.82 7.39
N GLU B 371 -22.25 41.15 8.00
CA GLU B 371 -21.22 40.14 8.24
C GLU B 371 -21.77 39.06 9.17
N LEU B 372 -21.53 37.80 8.79
CA LEU B 372 -22.13 36.66 9.45
C LEU B 372 -21.07 35.61 9.72
N ASN B 373 -21.01 35.13 10.96
CA ASN B 373 -20.04 34.10 11.33
C ASN B 373 -20.59 32.73 10.97
N THR B 374 -19.80 31.94 10.26
CA THR B 374 -20.22 30.62 9.79
C THR B 374 -19.04 29.66 9.88
N ARG B 375 -19.23 28.54 10.57
CA ARG B 375 -18.15 27.58 10.82
C ARG B 375 -18.12 26.46 9.79
N SER B 376 -19.23 26.18 9.10
CA SER B 376 -19.29 25.13 8.11
C SER B 376 -20.60 25.26 7.34
N THR B 377 -20.59 24.78 6.10
CA THR B 377 -21.77 24.79 5.25
C THR B 377 -21.94 23.42 4.60
N THR B 378 -23.21 23.06 4.39
CA THR B 378 -23.59 21.87 3.62
C THR B 378 -24.52 22.32 2.51
N THR B 379 -24.33 21.76 1.31
CA THR B 379 -25.14 22.13 0.15
C THR B 379 -25.61 20.87 -0.57
N SER B 380 -26.90 20.82 -0.88
CA SER B 380 -27.48 19.73 -1.65
C SER B 380 -28.40 20.32 -2.71
N CYS B 381 -28.30 19.82 -3.93
CA CYS B 381 -29.08 20.34 -5.05
C CYS B 381 -29.84 19.21 -5.72
N PHE B 382 -30.95 19.56 -6.36
CA PHE B 382 -31.84 18.58 -6.95
C PHE B 382 -32.72 19.30 -7.97
N LEU B 383 -33.40 18.51 -8.79
CA LEU B 383 -34.35 19.04 -9.76
C LEU B 383 -35.70 19.23 -9.09
N PHE B 384 -36.27 20.41 -9.23
CA PHE B 384 -37.60 20.72 -8.72
C PHE B 384 -38.32 21.56 -9.76
N LEU B 385 -39.45 21.05 -10.26
CA LEU B 385 -40.19 21.69 -11.35
C LEU B 385 -39.30 21.84 -12.58
N ASP B 386 -38.50 20.81 -12.85
CA ASP B 386 -37.61 20.75 -14.01
C ASP B 386 -36.59 21.89 -14.03
N GLU B 387 -36.15 22.33 -12.85
CA GLU B 387 -35.15 23.37 -12.72
C GLU B 387 -34.29 23.10 -11.49
N PRO B 388 -33.01 23.47 -11.53
CA PRO B 388 -32.10 23.14 -10.41
C PRO B 388 -32.37 24.01 -9.19
N TRP B 389 -32.63 23.36 -8.06
CA TRP B 389 -32.81 24.02 -6.78
C TRP B 389 -31.84 23.42 -5.77
N CYS B 390 -31.46 24.23 -4.78
CA CYS B 390 -30.50 23.81 -3.78
C CYS B 390 -30.99 24.20 -2.39
N ILE B 391 -30.52 23.45 -1.39
CA ILE B 391 -30.82 23.69 0.01
C ILE B 391 -29.51 23.62 0.78
N SER B 392 -29.18 24.69 1.49
CA SER B 392 -27.94 24.79 2.22
C SER B 392 -28.19 25.02 3.71
N VAL B 393 -27.32 24.46 4.54
CA VAL B 393 -27.37 24.64 5.99
C VAL B 393 -26.06 25.29 6.41
N LEU B 394 -26.16 26.37 7.20
CA LEU B 394 -25.01 27.14 7.64
C LEU B 394 -24.90 27.06 9.15
N GLU B 395 -23.73 26.68 9.65
CA GLU B 395 -23.47 26.65 11.09
C GLU B 395 -23.15 28.08 11.52
N THR B 396 -24.19 28.81 11.88
CA THR B 396 -24.09 30.25 12.12
C THR B 396 -23.98 30.55 13.61
N ASN B 397 -23.28 31.67 13.90
CA ASN B 397 -23.18 32.22 15.25
C ASN B 397 -23.53 33.70 15.13
N ARG B 398 -24.84 33.99 15.10
CA ARG B 398 -25.30 35.35 14.82
C ARG B 398 -25.09 36.25 16.03
N PHE B 399 -25.54 35.82 17.20
CA PHE B 399 -25.52 36.65 18.39
C PHE B 399 -24.22 36.50 19.20
N ASN B 400 -23.16 35.99 18.57
CA ASN B 400 -21.82 35.94 19.14
C ASN B 400 -21.70 34.99 20.33
N GLY B 401 -22.75 34.23 20.63
CA GLY B 401 -22.71 33.27 21.71
C GLY B 401 -24.04 33.12 22.43
N LYS B 402 -25.01 33.95 22.05
CA LYS B 402 -26.36 33.87 22.61
C LYS B 402 -27.23 33.07 21.65
N SER B 403 -27.85 32.00 22.17
CA SER B 403 -28.74 31.13 21.41
C SER B 403 -28.19 30.81 20.03
N ILE B 404 -27.14 29.99 19.97
CA ILE B 404 -26.54 29.60 18.70
C ILE B 404 -27.45 28.62 17.99
N ARG B 405 -27.70 28.86 16.71
CA ARG B 405 -28.64 28.04 15.97
C ARG B 405 -28.26 28.04 14.49
N PRO B 406 -28.16 26.87 13.86
CA PRO B 406 -27.91 26.83 12.41
C PRO B 406 -29.14 27.28 11.64
N GLU B 407 -28.90 27.70 10.40
CA GLU B 407 -29.93 28.26 9.54
C GLU B 407 -29.95 27.53 8.20
N ILE B 408 -31.16 27.32 7.67
CA ILE B 408 -31.37 26.62 6.42
C ILE B 408 -31.85 27.63 5.38
N TYR B 409 -31.27 27.56 4.19
CA TYR B 409 -31.65 28.44 3.07
C TYR B 409 -31.95 27.60 1.85
N SER B 410 -32.95 28.02 1.08
CA SER B 410 -33.26 27.42 -0.20
C SER B 410 -33.11 28.48 -1.30
N TYR B 411 -32.53 28.07 -2.43
CA TYR B 411 -32.30 28.99 -3.53
C TYR B 411 -32.30 28.20 -4.84
N LYS B 412 -32.37 28.94 -5.94
CA LYS B 412 -32.50 28.38 -7.28
C LYS B 412 -31.34 28.86 -8.14
N ILE B 413 -30.83 27.96 -8.97
CA ILE B 413 -29.81 28.36 -9.95
C ILE B 413 -30.46 29.23 -11.02
N PRO B 414 -29.95 30.43 -11.30
CA PRO B 414 -30.66 31.36 -12.19
C PRO B 414 -30.88 30.81 -13.59
N LYS B 415 -32.12 30.91 -14.05
CA LYS B 415 -32.44 30.52 -15.42
C LYS B 415 -31.69 31.37 -16.43
N TYR B 416 -31.55 32.67 -16.15
CA TYR B 416 -30.84 33.59 -17.01
C TYR B 416 -29.81 34.36 -16.19
N CYS B 417 -28.82 34.91 -16.87
CA CYS B 417 -27.70 35.57 -16.21
C CYS B 417 -28.01 37.04 -15.96
N GLY B 418 -27.64 37.50 -14.77
CA GLY B 418 -27.71 38.91 -14.43
C GLY B 418 -29.08 39.54 -14.52
N THR B 419 -29.97 39.18 -13.60
CA THR B 419 -31.33 39.73 -13.55
C THR B 419 -31.61 40.23 -12.13
N LYS B 420 -31.74 41.54 -11.98
CA LYS B 420 -32.08 42.14 -10.69
C LYS B 420 -32.74 43.50 -10.89
C1 NAG C . 20.62 -32.48 18.56
C2 NAG C . 19.55 -33.02 17.62
C3 NAG C . 18.29 -33.34 18.41
C4 NAG C . 18.62 -34.34 19.50
C5 NAG C . 19.75 -33.83 20.39
C6 NAG C . 20.24 -34.88 21.35
C7 NAG C . 19.30 -32.47 15.26
C8 NAG C . 18.97 -31.42 14.25
N2 NAG C . 19.26 -32.09 16.54
O3 NAG C . 17.32 -33.88 17.51
O4 NAG C . 17.46 -34.56 20.31
O5 NAG C . 20.88 -33.45 19.59
O6 NAG C . 20.97 -35.90 20.69
O7 NAG C . 19.59 -33.62 14.93
C1 NAG D . -2.09 -25.33 -4.98
C2 NAG D . -1.91 -26.72 -4.37
C3 NAG D . -1.99 -27.78 -5.46
C4 NAG D . -3.28 -27.63 -6.27
C5 NAG D . -3.44 -26.20 -6.80
C6 NAG D . -4.78 -25.97 -7.45
C7 NAG D . -0.55 -26.83 -2.32
C8 NAG D . 0.85 -26.89 -1.76
N2 NAG D . -0.65 -26.79 -3.65
O3 NAG D . -1.92 -29.09 -4.90
O4 NAG D . -3.29 -28.54 -7.35
O5 NAG D . -3.35 -25.27 -5.70
O6 NAG D . -4.72 -24.97 -8.47
O7 NAG D . -1.53 -26.81 -1.60
C1 NAG E . 39.10 -23.06 -27.48
C2 NAG E . 37.61 -22.70 -27.37
C3 NAG E . 36.78 -23.71 -28.17
C4 NAG E . 37.29 -23.83 -29.59
C5 NAG E . 38.78 -24.15 -29.60
C6 NAG E . 39.38 -24.18 -30.98
C7 NAG E . 36.19 -21.91 -25.53
C8 NAG E . 35.91 -22.00 -24.06
N2 NAG E . 37.20 -22.66 -25.98
O3 NAG E . 35.42 -23.30 -28.16
O4 NAG E . 36.59 -24.85 -30.29
O5 NAG E . 39.49 -23.13 -28.87
O6 NAG E . 40.70 -24.69 -30.98
O7 NAG E . 35.55 -21.17 -26.27
C1 NAG F . 36.34 -34.40 5.53
C2 NAG F . 36.18 -34.61 7.03
C3 NAG F . 36.34 -36.09 7.38
C4 NAG F . 35.40 -36.93 6.53
C5 NAG F . 35.63 -36.65 5.05
C6 NAG F . 34.69 -37.39 4.14
C7 NAG F . 36.81 -32.63 8.35
C8 NAG F . 37.92 -31.93 9.07
N2 NAG F . 37.13 -33.80 7.77
O3 NAG F . 36.06 -36.27 8.76
O4 NAG F . 35.63 -38.32 6.78
O5 NAG F . 35.42 -35.24 4.82
O6 NAG F . 33.54 -37.87 4.84
O7 NAG F . 35.67 -32.18 8.31
C1 NAG G . 24.68 -21.57 -25.48
C2 NAG G . 23.23 -21.83 -25.87
C3 NAG G . 22.99 -23.33 -26.00
C4 NAG G . 24.00 -23.94 -26.97
C5 NAG G . 25.41 -23.60 -26.52
C6 NAG G . 26.48 -24.10 -27.48
C7 NAG G . 21.08 -20.86 -25.20
C8 NAG G . 20.28 -20.28 -24.08
N2 NAG G . 22.32 -21.26 -24.90
O3 NAG G . 21.67 -23.58 -26.46
O4 NAG G . 23.84 -25.35 -27.02
O5 NAG G . 25.57 -22.17 -26.43
O6 NAG G . 26.34 -23.48 -28.75
O7 NAG G . 20.62 -20.95 -26.33
C1 NAG H . 20.16 -8.81 -28.16
C2 NAG H . 20.73 -7.88 -29.24
C3 NAG H . 19.92 -8.02 -30.54
C4 NAG H . 19.78 -9.49 -30.94
C5 NAG H . 19.23 -10.29 -29.77
C6 NAG H . 19.14 -11.78 -30.06
C7 NAG H . 21.37 -5.50 -29.36
C8 NAG H . 21.21 -4.15 -28.73
N2 NAG H . 20.70 -6.49 -28.78
O3 NAG H . 20.60 -7.33 -31.59
O4 NAG H . 18.91 -9.61 -32.06
O5 NAG H . 20.11 -10.14 -28.65
O6 NAG H . 18.41 -12.46 -29.05
O7 NAG H . 22.07 -5.66 -30.35
C1 NAG I . -4.69 -30.64 6.59
C2 NAG I . -6.20 -30.42 6.59
C3 NAG I . -6.59 -29.42 7.68
C4 NAG I . -6.03 -29.85 9.03
C5 NAG I . -4.52 -30.10 8.93
C6 NAG I . -3.93 -30.66 10.20
C7 NAG I . -7.35 -30.79 4.46
C8 NAG I . -7.76 -30.17 3.15
N2 NAG I . -6.68 -29.99 5.29
O3 NAG I . -8.00 -29.32 7.75
O4 NAG I . -6.27 -28.84 10.01
O5 NAG I . -4.25 -31.05 7.89
O6 NAG I . -2.52 -30.43 10.26
O7 NAG I . -7.60 -31.95 4.74
C1 NAG J . -33.69 0.23 -1.38
C2 NAG J . -32.92 -0.96 -0.79
C3 NAG J . -32.38 -1.84 -1.92
C4 NAG J . -33.49 -2.24 -2.88
C5 NAG J . -34.22 -1.00 -3.38
C6 NAG J . -35.41 -1.32 -4.25
C7 NAG J . -31.87 -0.57 1.39
C8 NAG J . -30.66 -0.05 2.11
N2 NAG J . -31.83 -0.50 0.06
O3 NAG J . -31.80 -3.02 -1.35
O4 NAG J . -32.96 -2.95 -3.98
O5 NAG J . -34.72 -0.24 -2.27
O6 NAG J . -35.78 -0.23 -5.08
O7 NAG J . -32.83 -1.06 1.99
C1 NAG K . -19.40 2.77 28.52
C2 NAG K . -19.55 1.47 27.72
C3 NAG K . -20.85 0.75 28.12
C4 NAG K . -20.86 0.52 29.63
C5 NAG K . -20.69 1.85 30.36
C6 NAG K . -20.60 1.69 31.86
C7 NAG K . -18.42 1.80 25.57
C8 NAG K . -18.58 2.12 24.11
N2 NAG K . -19.54 1.75 26.29
O3 NAG K . -20.96 -0.49 27.44
O4 NAG K . -22.07 -0.10 30.04
O5 NAG K . -19.47 2.49 29.93
O6 NAG K . -20.09 2.85 32.50
O7 NAG K . -17.31 1.61 26.07
C1 NAG L . -0.41 7.55 20.82
C2 NAG L . -0.80 7.34 22.28
C3 NAG L . -0.19 6.05 22.82
C4 NAG L . -0.55 4.87 21.94
C5 NAG L . -0.15 5.16 20.49
C6 NAG L . -0.58 4.08 19.52
C7 NAG L . -1.21 9.45 23.49
C8 NAG L . -0.61 10.54 24.32
N2 NAG L . -0.38 8.47 23.10
O3 NAG L . -0.67 5.83 24.14
O4 NAG L . 0.11 3.70 22.40
O5 NAG L . -0.75 6.38 20.05
O6 NAG L . -0.46 2.78 20.06
O7 NAG L . -2.40 9.45 23.17
C1 NAG M . -6.74 16.64 -12.82
C2 NAG M . -7.74 15.92 -13.73
C3 NAG M . -7.32 14.46 -13.91
C4 NAG M . -5.88 14.39 -14.43
C5 NAG M . -4.95 15.16 -13.50
C6 NAG M . -3.53 15.22 -14.01
C7 NAG M . -10.19 15.95 -13.95
C8 NAG M . -11.50 16.06 -13.23
N2 NAG M . -9.08 16.00 -13.19
O3 NAG M . -8.19 13.79 -14.82
O4 NAG M . -5.46 13.03 -14.52
O5 NAG M . -5.41 16.51 -13.36
O6 NAG M . -2.84 16.35 -13.51
O7 NAG M . -10.14 15.80 -15.17
C1 NAG N . -15.09 27.24 -17.88
C2 NAG N . -14.06 28.01 -18.72
C3 NAG N . -14.42 27.94 -20.20
C4 NAG N . -14.63 26.49 -20.64
C5 NAG N . -15.62 25.80 -19.70
C6 NAG N . -15.78 24.32 -20.01
C7 NAG N . -14.91 30.31 -18.34
C8 NAG N . -14.56 31.67 -17.84
N2 NAG N . -13.93 29.40 -18.29
O3 NAG N . -13.38 28.53 -20.97
O4 NAG N . -15.13 26.45 -21.97
O5 NAG N . -15.16 25.90 -18.34
O6 NAG N . -14.86 23.53 -19.26
O7 NAG N . -16.03 30.04 -18.78
C1 NAG O . -37.34 -6.61 8.73
C2 NAG O . -38.76 -7.06 8.39
C3 NAG O . -39.75 -6.65 9.50
C4 NAG O . -39.23 -7.10 10.87
C5 NAG O . -37.81 -6.60 11.10
C6 NAG O . -37.21 -7.10 12.39
C7 NAG O . -40.24 -6.90 6.40
C8 NAG O . -40.47 -6.20 5.11
N2 NAG O . -39.17 -6.50 7.11
O3 NAG O . -41.02 -7.24 9.27
O4 NAG O . -40.08 -6.63 11.91
O5 NAG O . -36.98 -7.10 10.04
O6 NAG O . -36.29 -6.17 12.93
O7 NAG O . -40.98 -7.80 6.80
#